data_1PHJ
#
_entry.id   1PHJ
#
_cell.length_a   93.481
_cell.length_b   93.481
_cell.length_c   423.487
_cell.angle_alpha   90.00
_cell.angle_beta   90.00
_cell.angle_gamma   120.00
#
_symmetry.space_group_name_H-M   'P 61 2 2'
#
loop_
_entity.id
_entity.type
_entity.pdbx_description
1 polymer "5'-D(*GP*GP*GP*GP*TP*TP*TP*TP*GP*GP*GP*GP*T)-3'"
2 polymer "5'-D(*GP*GP*(3DR)P*GP*TP*TP*TP*TP*GP*GP*GP*G)-3'"
3 polymer 'Telomere-binding protein alpha subunit'
4 polymer 'Telomere-binding protein beta subunit'
5 water water
#
loop_
_entity_poly.entity_id
_entity_poly.type
_entity_poly.pdbx_seq_one_letter_code
_entity_poly.pdbx_strand_id
1 'polydeoxyribonucleotide' (DG)(DG)(DG)(DG)(DT)(DT)(DT)(DT)(DG)(DG)(DG)(DG)(DT) G,H
2 'polydeoxyribonucleotide' (DG)(DG)(3DR)(DG)(DT)(DT)(DT)(DT)(DG)(DG)(DG)(DG) D
3 'polypeptide(L)'
;KYEYVELAKASLTSAQPQHFYAVVIDATFPYKTNQERYICSLKIVDPTLYLKQQKGAGDASDYATLVLYAKRFEDLPIIH
RAGDIIRVHRATLRLYNGQRQFNANVFYSSSWALFSTDKRSVTQEINNQDAVSDTTPFSFSSKHATIEKNEISILQNLRK
WANQYFSSYSVISSDMYTALNKAQAQKGDFDVVAKILQVHELDEYTNELKLKDASGQVFYTLSLKLKFPHVRTGEVVRIR
SATYDETSTQKKVLILSHYSNIITFIQSSKLAKELRAKIQDDHSVEVASLKKNVSLNAVVLTEVDKKHAALPSTSLQDLF
HHADSDKELQAQDTFRTQFYVTKIEPSDVKEWVKGYDRKTKKSSSLKGASGKGDNIFQVQFLVKDASTQLNNNTYRVLLY
TQDGLGANFFNVKADNLHKNADARKKLEDSAELLTKFNSYVDAVVERRNGFYLIKDTKLIY
;
A
4 'polypeptide(L)'
;QQQSAFKQLYTELFNNEGDFSKVSSNLKKPLKCYVKESYPHFLVTDGYFFVAPYFTKEAVNEFHAKFPNVNIVDLTDKVI
VINNWSLELRRVNSAEVFTSYANLEARLIVHSFKPNLQERLNPTRYPVNLFRDDEFKTTIQHFRHTALQAAINKTVKGDN
LVDISKVADAAGKKGKVDAGIVKASASKGDEFSDFSFKEGNTATLKIADIFVQEKG
;
B
#
# COMPACT_ATOMS: atom_id res chain seq x y z
N LYS D 1 27.61 -29.86 -20.81
CA LYS D 1 26.31 -30.38 -21.29
C LYS D 1 25.42 -30.77 -20.11
N TYR D 2 24.13 -30.45 -20.20
CA TYR D 2 23.18 -30.77 -19.15
C TYR D 2 22.05 -31.66 -19.64
N GLU D 3 21.70 -32.65 -18.82
CA GLU D 3 20.63 -33.59 -19.15
C GLU D 3 19.43 -33.22 -18.27
N TYR D 4 18.33 -32.81 -18.91
CA TYR D 4 17.14 -32.43 -18.15
C TYR D 4 16.15 -33.57 -17.97
N VAL D 5 15.77 -33.79 -16.71
CA VAL D 5 14.84 -34.85 -16.36
C VAL D 5 13.47 -34.31 -15.96
N GLU D 6 12.44 -35.11 -16.19
CA GLU D 6 11.08 -34.73 -15.85
C GLU D 6 10.84 -34.99 -14.36
N LEU D 7 10.08 -34.11 -13.73
CA LEU D 7 9.80 -34.17 -12.30
C LEU D 7 9.45 -35.54 -11.72
N ALA D 8 8.55 -36.27 -12.36
CA ALA D 8 8.15 -37.59 -11.86
C ALA D 8 9.19 -38.67 -12.07
N LYS D 9 10.10 -38.45 -13.02
CA LYS D 9 11.13 -39.43 -13.33
C LYS D 9 12.47 -39.16 -12.63
N ALA D 10 12.58 -38.03 -11.94
CA ALA D 10 13.81 -37.69 -11.24
C ALA D 10 14.10 -38.76 -10.19
N SER D 11 15.37 -39.13 -10.05
CA SER D 11 15.77 -40.16 -9.11
C SER D 11 15.73 -39.76 -7.63
N LEU D 12 15.11 -40.61 -6.82
CA LEU D 12 14.99 -40.38 -5.38
C LEU D 12 16.13 -41.10 -4.67
N THR D 13 16.69 -42.12 -5.32
CA THR D 13 17.78 -42.90 -4.73
C THR D 13 19.14 -42.22 -4.94
N SER D 14 19.51 -41.99 -6.19
CA SER D 14 20.78 -41.35 -6.49
C SER D 14 20.74 -39.88 -6.06
N ALA D 15 21.25 -39.60 -4.87
CA ALA D 15 21.26 -38.25 -4.34
C ALA D 15 22.23 -37.37 -5.13
N GLN D 16 22.29 -37.60 -6.43
CA GLN D 16 23.17 -36.84 -7.31
C GLN D 16 22.46 -35.62 -7.89
N PRO D 17 23.22 -34.56 -8.19
CA PRO D 17 22.65 -33.33 -8.76
C PRO D 17 21.88 -33.61 -10.05
N GLN D 18 20.65 -33.13 -10.11
CA GLN D 18 19.82 -33.30 -11.30
C GLN D 18 19.34 -31.95 -11.78
N HIS D 19 18.98 -31.86 -13.05
CA HIS D 19 18.53 -30.60 -13.64
C HIS D 19 17.15 -30.75 -14.26
N PHE D 20 16.38 -29.66 -14.30
CA PHE D 20 15.04 -29.73 -14.86
C PHE D 20 14.42 -28.38 -15.24
N TYR D 21 13.36 -28.46 -16.02
CA TYR D 21 12.58 -27.30 -16.45
C TYR D 21 11.22 -27.55 -15.84
N ALA D 22 10.59 -26.53 -15.28
CA ALA D 22 9.29 -26.71 -14.67
C ALA D 22 8.45 -25.44 -14.69
N VAL D 23 7.16 -25.60 -14.42
CA VAL D 23 6.25 -24.48 -14.39
C VAL D 23 6.01 -24.11 -12.93
N VAL D 24 6.16 -22.83 -12.62
CA VAL D 24 5.95 -22.34 -11.26
C VAL D 24 4.48 -21.98 -11.06
N ILE D 25 3.87 -22.55 -10.02
CA ILE D 25 2.47 -22.27 -9.73
C ILE D 25 2.30 -21.56 -8.39
N ASP D 26 3.37 -21.55 -7.60
CA ASP D 26 3.32 -20.89 -6.30
C ASP D 26 4.73 -20.67 -5.76
N ALA D 27 4.87 -19.68 -4.87
CA ALA D 27 6.17 -19.39 -4.31
C ALA D 27 6.10 -18.29 -3.27
N THR D 28 6.89 -18.46 -2.21
CA THR D 28 6.96 -17.47 -1.15
C THR D 28 7.86 -16.39 -1.75
N PHE D 29 7.98 -15.27 -1.05
CA PHE D 29 8.85 -14.21 -1.53
C PHE D 29 10.20 -14.60 -0.96
N PRO D 30 11.30 -14.21 -1.60
CA PRO D 30 12.58 -14.61 -1.01
C PRO D 30 12.69 -13.95 0.37
N TYR D 31 12.88 -14.76 1.42
CA TYR D 31 12.97 -14.20 2.77
C TYR D 31 14.21 -14.64 3.55
N LYS D 32 14.62 -13.80 4.49
CA LYS D 32 15.78 -14.08 5.34
C LYS D 32 15.33 -14.91 6.53
N THR D 33 16.21 -15.78 7.03
CA THR D 33 15.89 -16.63 8.18
C THR D 33 16.78 -16.36 9.39
N ASN D 34 17.96 -15.82 9.13
CA ASN D 34 18.90 -15.47 10.19
C ASN D 34 19.89 -14.44 9.65
N GLN D 35 21.14 -14.47 10.11
CA GLN D 35 22.12 -13.50 9.66
C GLN D 35 22.85 -13.78 8.35
N GLU D 36 22.73 -15.00 7.82
CA GLU D 36 23.43 -15.33 6.58
C GLU D 36 22.62 -16.21 5.63
N ARG D 37 21.36 -16.47 5.96
CA ARG D 37 20.56 -17.35 5.13
C ARG D 37 19.24 -16.76 4.60
N TYR D 38 19.03 -16.90 3.29
CA TYR D 38 17.81 -16.45 2.64
C TYR D 38 17.17 -17.65 1.97
N ILE D 39 15.84 -17.73 1.99
CA ILE D 39 15.14 -18.87 1.41
C ILE D 39 13.93 -18.49 0.57
N CYS D 40 13.68 -19.28 -0.48
CA CYS D 40 12.53 -19.09 -1.34
C CYS D 40 11.98 -20.47 -1.65
N SER D 41 10.72 -20.68 -1.27
CA SER D 41 10.06 -21.96 -1.49
C SER D 41 9.01 -21.85 -2.58
N LEU D 42 9.04 -22.78 -3.52
CA LEU D 42 8.04 -22.76 -4.58
C LEU D 42 7.48 -24.13 -4.91
N LYS D 43 6.32 -24.12 -5.56
CA LYS D 43 5.63 -25.33 -5.97
C LYS D 43 5.80 -25.38 -7.49
N ILE D 44 6.27 -26.51 -8.00
CA ILE D 44 6.48 -26.64 -9.44
C ILE D 44 5.76 -27.81 -10.08
N VAL D 45 5.52 -27.68 -11.37
CA VAL D 45 4.80 -28.70 -12.15
C VAL D 45 5.39 -28.91 -13.54
N ASP D 46 5.06 -30.05 -14.15
CA ASP D 46 5.52 -30.39 -15.50
C ASP D 46 4.60 -31.50 -16.03
N PRO D 47 4.68 -31.81 -17.33
CA PRO D 47 3.85 -32.85 -17.94
C PRO D 47 3.70 -34.20 -17.22
N THR D 48 4.59 -34.51 -16.29
CA THR D 48 4.52 -35.79 -15.58
C THR D 48 4.02 -35.67 -14.15
N LEU D 49 3.95 -34.45 -13.63
CA LEU D 49 3.49 -34.22 -12.27
C LEU D 49 2.75 -32.88 -12.21
N TYR D 50 1.42 -32.93 -12.33
CA TYR D 50 0.64 -31.70 -12.30
C TYR D 50 -0.73 -31.84 -11.69
N LEU D 51 -1.24 -33.06 -11.63
CA LEU D 51 -2.56 -33.25 -11.06
C LEU D 51 -2.65 -34.44 -10.16
N LYS D 52 -3.30 -34.25 -9.01
CA LYS D 52 -3.55 -35.40 -8.16
C LYS D 52 -4.74 -35.70 -9.01
N GLN D 53 -5.45 -36.76 -8.74
CA GLN D 53 -6.54 -36.99 -9.62
C GLN D 53 -7.73 -36.10 -9.02
N ASP D 59 -7.65 -34.85 -9.54
CA ASP D 59 -8.38 -33.52 -9.46
C ASP D 59 -7.75 -32.27 -8.82
N ALA D 60 -7.39 -32.26 -7.53
CA ALA D 60 -6.79 -31.02 -7.04
C ALA D 60 -5.44 -31.05 -7.77
N SER D 61 -4.71 -29.94 -7.81
CA SER D 61 -3.43 -30.01 -8.54
C SER D 61 -2.36 -30.71 -7.73
N ASP D 62 -1.50 -31.45 -8.42
CA ASP D 62 -0.41 -32.17 -7.78
C ASP D 62 0.86 -31.41 -8.14
N TYR D 63 1.90 -31.58 -7.35
CA TYR D 63 3.13 -30.85 -7.60
C TYR D 63 4.31 -31.31 -6.75
N ALA D 64 5.48 -30.78 -7.10
CA ALA D 64 6.71 -31.07 -6.38
C ALA D 64 7.05 -29.74 -5.73
N THR D 65 7.95 -29.76 -4.75
CA THR D 65 8.34 -28.53 -4.09
C THR D 65 9.80 -28.22 -4.38
N LEU D 66 10.10 -26.93 -4.53
CA LEU D 66 11.46 -26.49 -4.80
C LEU D 66 11.92 -25.54 -3.70
N VAL D 67 13.03 -25.89 -3.05
CA VAL D 67 13.55 -25.05 -1.99
C VAL D 67 14.94 -24.56 -2.36
N LEU D 68 15.04 -23.26 -2.63
CA LEU D 68 16.31 -22.66 -3.01
C LEU D 68 16.95 -21.94 -1.82
N TYR D 69 18.22 -22.25 -1.56
CA TYR D 69 18.95 -21.62 -0.46
C TYR D 69 20.02 -20.70 -1.01
N ALA D 70 20.21 -19.55 -0.36
CA ALA D 70 21.21 -18.58 -0.79
C ALA D 70 21.75 -17.78 0.39
N LYS D 71 22.83 -17.04 0.15
CA LYS D 71 23.44 -16.21 1.19
C LYS D 71 23.12 -14.75 0.93
N ARG D 72 22.42 -14.48 -0.16
CA ARG D 72 22.06 -13.12 -0.53
C ARG D 72 20.67 -13.07 -1.16
N PHE D 73 19.87 -12.13 -0.69
CA PHE D 73 18.52 -11.93 -1.19
C PHE D 73 18.49 -11.95 -2.72
N GLU D 74 19.46 -11.28 -3.33
CA GLU D 74 19.57 -11.18 -4.78
C GLU D 74 19.80 -12.49 -5.53
N ASP D 75 20.26 -13.53 -4.83
CA ASP D 75 20.51 -14.81 -5.49
C ASP D 75 19.28 -15.70 -5.60
N LEU D 76 18.13 -15.19 -5.19
CA LEU D 76 16.90 -15.96 -5.24
C LEU D 76 15.88 -15.33 -6.20
N PRO D 77 15.02 -16.17 -6.78
CA PRO D 77 13.98 -15.75 -7.73
C PRO D 77 12.76 -15.06 -7.12
N ILE D 78 12.36 -13.95 -7.74
CA ILE D 78 11.19 -13.22 -7.30
C ILE D 78 10.07 -13.65 -8.24
N ILE D 79 9.12 -14.41 -7.72
CA ILE D 79 8.00 -14.91 -8.52
C ILE D 79 6.79 -13.98 -8.41
N HIS D 80 6.57 -13.18 -9.44
CA HIS D 80 5.44 -12.25 -9.46
C HIS D 80 4.22 -12.88 -10.11
N ARG D 81 4.46 -13.84 -10.99
CA ARG D 81 3.36 -14.47 -11.73
C ARG D 81 3.41 -15.98 -11.82
N ALA D 82 2.27 -16.63 -11.62
CA ALA D 82 2.16 -18.07 -11.70
C ALA D 82 2.01 -18.45 -13.17
N GLY D 83 2.77 -19.45 -13.61
CA GLY D 83 2.70 -19.87 -14.99
C GLY D 83 4.02 -19.77 -15.72
N ASP D 84 4.93 -18.94 -15.20
CA ASP D 84 6.24 -18.80 -15.82
C ASP D 84 7.07 -20.05 -15.60
N ILE D 85 8.17 -20.16 -16.33
CA ILE D 85 9.03 -21.34 -16.23
C ILE D 85 10.38 -21.09 -15.58
N ILE D 86 10.81 -22.04 -14.76
CA ILE D 86 12.09 -21.96 -14.07
C ILE D 86 12.96 -23.16 -14.44
N ARG D 87 14.24 -22.88 -14.73
CA ARG D 87 15.19 -23.92 -15.09
C ARG D 87 16.16 -24.02 -13.92
N VAL D 88 16.36 -25.23 -13.41
CA VAL D 88 17.27 -25.42 -12.28
C VAL D 88 18.42 -26.37 -12.59
N HIS D 89 19.62 -25.98 -12.16
CA HIS D 89 20.82 -26.78 -12.35
C HIS D 89 21.35 -27.27 -11.00
N ARG D 90 21.73 -28.54 -10.95
CA ARG D 90 22.28 -29.15 -9.73
C ARG D 90 21.40 -29.13 -8.49
N ALA D 91 20.28 -29.82 -8.54
CA ALA D 91 19.38 -29.89 -7.40
C ALA D 91 19.38 -31.33 -6.91
N THR D 92 19.22 -31.53 -5.61
CA THR D 92 19.18 -32.87 -5.04
C THR D 92 17.74 -33.15 -4.65
N LEU D 93 17.24 -34.32 -5.04
CA LEU D 93 15.87 -34.69 -4.76
C LEU D 93 15.71 -35.68 -3.60
N ARG D 94 14.76 -35.38 -2.72
CA ARG D 94 14.48 -36.25 -1.58
C ARG D 94 12.99 -36.18 -1.27
N LEU D 95 12.53 -37.12 -0.45
CA LEU D 95 11.13 -37.18 -0.08
C LEU D 95 10.91 -36.47 1.25
N TYR D 96 10.01 -35.50 1.26
CA TYR D 96 9.69 -34.77 2.47
C TYR D 96 8.20 -34.94 2.73
N ASN D 97 7.90 -35.69 3.79
CA ASN D 97 6.52 -35.96 4.17
C ASN D 97 5.66 -36.34 2.97
N GLY D 98 6.09 -37.36 2.24
CA GLY D 98 5.35 -37.84 1.08
C GLY D 98 5.46 -37.06 -0.21
N GLN D 99 6.09 -35.89 -0.19
CA GLN D 99 6.21 -35.09 -1.41
C GLN D 99 7.62 -35.02 -1.96
N ARG D 100 7.72 -34.97 -3.29
CA ARG D 100 8.99 -34.88 -3.97
C ARG D 100 9.50 -33.45 -3.81
N GLN D 101 10.60 -33.31 -3.08
CA GLN D 101 11.19 -32.01 -2.80
C GLN D 101 12.60 -31.86 -3.38
N PHE D 102 12.77 -30.86 -4.24
CA PHE D 102 14.07 -30.59 -4.82
C PHE D 102 14.74 -29.50 -4.01
N ASN D 103 15.99 -29.72 -3.61
CA ASN D 103 16.73 -28.74 -2.84
C ASN D 103 17.93 -28.25 -3.63
N ALA D 104 18.13 -26.94 -3.66
CA ALA D 104 19.24 -26.36 -4.39
C ALA D 104 19.92 -25.24 -3.63
N ASN D 105 21.23 -25.41 -3.37
CA ASN D 105 21.99 -24.39 -2.68
C ASN D 105 22.63 -23.50 -3.72
N VAL D 106 22.02 -22.34 -3.94
CA VAL D 106 22.54 -21.39 -4.92
C VAL D 106 23.83 -20.78 -4.42
N PHE D 107 24.03 -20.80 -3.10
CA PHE D 107 25.23 -20.23 -2.51
C PHE D 107 26.44 -21.14 -2.76
N TYR D 108 26.22 -22.30 -3.35
CA TYR D 108 27.32 -23.21 -3.64
C TYR D 108 27.53 -23.45 -5.14
N SER D 109 26.78 -24.37 -5.72
CA SER D 109 26.95 -24.67 -7.14
C SER D 109 25.66 -24.71 -7.97
N SER D 110 24.51 -24.64 -7.30
CA SER D 110 23.24 -24.68 -8.02
C SER D 110 22.90 -23.33 -8.64
N SER D 111 22.05 -23.35 -9.67
CA SER D 111 21.65 -22.13 -10.34
C SER D 111 20.22 -22.25 -10.86
N TRP D 112 19.63 -21.12 -11.22
CA TRP D 112 18.27 -21.09 -11.73
C TRP D 112 18.11 -19.96 -12.75
N ALA D 113 17.10 -20.09 -13.60
CA ALA D 113 16.82 -19.09 -14.61
C ALA D 113 15.32 -19.10 -14.88
N LEU D 114 14.72 -17.92 -14.92
CA LEU D 114 13.29 -17.80 -15.16
C LEU D 114 12.97 -17.40 -16.59
N PHE D 115 12.06 -18.14 -17.21
CA PHE D 115 11.65 -17.85 -18.58
C PHE D 115 10.16 -17.48 -18.61
N SER D 116 9.84 -16.47 -19.42
CA SER D 116 8.46 -16.01 -19.53
C SER D 116 7.63 -16.93 -20.42
N THR D 117 6.46 -17.32 -19.92
CA THR D 117 5.56 -18.17 -20.69
C THR D 117 4.76 -17.29 -21.64
N ASP D 118 4.41 -16.09 -21.14
CA ASP D 118 3.67 -15.14 -21.97
C ASP D 118 4.72 -14.36 -22.78
N LYS D 119 4.26 -13.57 -23.74
CA LYS D 119 5.17 -12.79 -24.57
C LYS D 119 6.18 -12.00 -23.75
N ARG D 120 5.69 -11.25 -22.78
CA ARG D 120 6.55 -10.44 -21.93
C ARG D 120 6.56 -10.92 -20.49
N SER D 121 7.64 -10.62 -19.78
CA SER D 121 7.74 -11.00 -18.37
C SER D 121 6.92 -9.95 -17.63
N VAL D 122 6.68 -10.14 -16.34
CA VAL D 122 5.91 -9.18 -15.58
C VAL D 122 6.56 -7.80 -15.66
N THR D 123 7.86 -7.75 -15.32
CA THR D 123 8.61 -6.51 -15.34
C THR D 123 8.59 -5.84 -16.72
N GLN D 124 8.62 -6.64 -17.77
CA GLN D 124 8.60 -6.10 -19.12
C GLN D 124 7.23 -5.51 -19.46
N GLU D 125 6.19 -6.04 -18.85
CA GLU D 125 4.84 -5.52 -19.07
C GLU D 125 4.70 -4.18 -18.35
N ILE D 126 5.25 -4.10 -17.16
CA ILE D 126 5.21 -2.89 -16.35
C ILE D 126 5.93 -1.73 -17.03
N ASN D 127 7.09 -2.02 -17.61
CA ASN D 127 7.90 -1.00 -18.27
C ASN D 127 7.64 -0.89 -19.78
N ASN D 128 6.75 -1.74 -20.28
CA ASN D 128 6.41 -1.74 -21.71
C ASN D 128 7.62 -1.96 -22.59
N GLN D 129 8.34 -3.05 -22.34
CA GLN D 129 9.53 -3.42 -23.10
C GLN D 129 9.24 -4.70 -23.86
N ASP D 130 10.02 -4.97 -24.90
CA ASP D 130 9.85 -6.20 -25.66
C ASP D 130 10.90 -7.19 -25.16
N ALA D 131 10.59 -8.47 -25.24
CA ALA D 131 11.53 -9.50 -24.79
C ALA D 131 12.63 -9.66 -25.83
N VAL D 132 13.89 -9.63 -25.38
CA VAL D 132 15.03 -9.77 -26.27
C VAL D 132 14.82 -10.92 -27.26
N SER D 133 14.29 -12.03 -26.76
CA SER D 133 14.02 -13.20 -27.58
C SER D 133 13.23 -14.20 -26.74
N ASP D 134 12.52 -15.10 -27.41
CA ASP D 134 11.71 -16.09 -26.71
C ASP D 134 12.58 -17.15 -26.05
N THR D 135 13.90 -16.99 -26.14
CA THR D 135 14.82 -17.97 -25.55
C THR D 135 15.73 -17.31 -24.51
N THR D 136 15.42 -16.07 -24.15
CA THR D 136 16.20 -15.33 -23.17
C THR D 136 15.56 -15.37 -21.78
N PRO D 137 16.36 -15.67 -20.75
CA PRO D 137 15.83 -15.73 -19.38
C PRO D 137 15.64 -14.29 -18.88
N PHE D 138 14.46 -13.96 -18.37
CA PHE D 138 14.25 -12.61 -17.90
C PHE D 138 14.87 -12.37 -16.53
N SER D 139 15.37 -13.45 -15.91
CA SER D 139 16.02 -13.38 -14.61
C SER D 139 16.78 -14.67 -14.36
N PHE D 140 17.93 -14.57 -13.70
CA PHE D 140 18.74 -15.74 -13.40
C PHE D 140 19.82 -15.45 -12.36
N SER D 141 20.28 -16.51 -11.69
CA SER D 141 21.31 -16.37 -10.67
C SER D 141 22.69 -16.42 -11.31
N SER D 142 23.67 -15.85 -10.62
CA SER D 142 25.06 -15.79 -11.09
C SER D 142 25.19 -14.76 -12.21
N LYS D 143 26.42 -14.44 -12.58
CA LYS D 143 26.69 -13.45 -13.62
C LYS D 143 26.28 -13.87 -15.02
N HIS D 144 26.21 -15.18 -15.27
CA HIS D 144 25.85 -15.65 -16.60
C HIS D 144 24.83 -16.78 -16.63
N ALA D 145 24.23 -16.96 -17.80
CA ALA D 145 23.24 -17.99 -18.05
C ALA D 145 23.43 -18.43 -19.49
N THR D 146 23.56 -19.74 -19.70
CA THR D 146 23.77 -20.27 -21.04
C THR D 146 22.65 -21.21 -21.46
N ILE D 147 22.14 -21.01 -22.66
CA ILE D 147 21.08 -21.87 -23.18
C ILE D 147 21.56 -22.54 -24.46
N GLU D 148 21.53 -23.86 -24.48
CA GLU D 148 21.97 -24.64 -25.63
C GLU D 148 20.85 -24.83 -26.65
N LYS D 149 21.24 -25.09 -27.90
CA LYS D 149 20.26 -25.28 -28.97
C LYS D 149 19.25 -26.37 -28.65
N ASN D 150 19.72 -27.47 -28.06
CA ASN D 150 18.83 -28.57 -27.72
C ASN D 150 17.81 -28.22 -26.65
N GLU D 151 18.07 -27.14 -25.92
CA GLU D 151 17.16 -26.69 -24.86
C GLU D 151 15.92 -26.01 -25.42
N ILE D 152 16.08 -25.32 -26.53
CA ILE D 152 14.99 -24.59 -27.16
C ILE D 152 13.69 -25.39 -27.27
N SER D 153 13.75 -26.59 -27.83
CA SER D 153 12.55 -27.41 -27.99
C SER D 153 11.93 -27.70 -26.62
N ILE D 154 12.77 -27.98 -25.63
CA ILE D 154 12.31 -28.27 -24.28
C ILE D 154 11.50 -27.08 -23.76
N LEU D 155 12.08 -25.89 -23.84
CA LEU D 155 11.44 -24.67 -23.38
C LEU D 155 10.17 -24.34 -24.16
N GLN D 156 10.28 -24.35 -25.48
CA GLN D 156 9.12 -24.05 -26.33
C GLN D 156 7.98 -25.03 -26.10
N ASN D 157 8.31 -26.29 -25.87
CA ASN D 157 7.28 -27.30 -25.63
C ASN D 157 6.62 -27.09 -24.26
N LEU D 158 7.44 -26.83 -23.25
CA LEU D 158 6.92 -26.62 -21.90
C LEU D 158 5.99 -25.41 -21.88
N ARG D 159 6.34 -24.38 -22.65
CA ARG D 159 5.50 -23.19 -22.72
C ARG D 159 4.13 -23.58 -23.26
N LYS D 160 4.14 -24.25 -24.40
CA LYS D 160 2.91 -24.72 -25.03
C LYS D 160 2.09 -25.53 -24.02
N TRP D 161 2.77 -26.40 -23.29
CA TRP D 161 2.10 -27.23 -22.28
C TRP D 161 1.56 -26.36 -21.15
N ALA D 162 2.33 -25.35 -20.77
CA ALA D 162 1.93 -24.46 -19.69
C ALA D 162 0.61 -23.76 -20.00
N ASN D 163 0.46 -23.31 -21.25
CA ASN D 163 -0.76 -22.63 -21.66
C ASN D 163 -1.95 -23.58 -21.70
N GLN D 164 -1.71 -24.81 -22.16
CA GLN D 164 -2.77 -25.81 -22.22
C GLN D 164 -3.24 -26.12 -20.80
N TYR D 165 -2.26 -26.29 -19.92
CA TYR D 165 -2.52 -26.61 -18.51
C TYR D 165 -3.32 -25.51 -17.81
N PHE D 166 -2.85 -24.27 -17.90
CA PHE D 166 -3.52 -23.16 -17.25
C PHE D 166 -4.87 -22.79 -17.88
N SER D 167 -5.06 -23.15 -19.14
CA SER D 167 -6.31 -22.83 -19.83
C SER D 167 -7.43 -23.84 -19.60
N SER D 168 -7.07 -25.07 -19.22
CA SER D 168 -8.08 -26.10 -19.00
C SER D 168 -8.21 -26.54 -17.53
N TYR D 169 -7.32 -26.05 -16.68
CA TYR D 169 -7.37 -26.39 -15.26
C TYR D 169 -7.23 -25.13 -14.41
N SER D 170 -7.73 -25.19 -13.19
CA SER D 170 -7.66 -24.05 -12.28
C SER D 170 -6.22 -23.88 -11.78
N VAL D 171 -5.49 -24.98 -11.75
CA VAL D 171 -4.10 -24.99 -11.28
C VAL D 171 -4.08 -24.69 -9.79
N ILE D 172 -4.50 -23.47 -9.41
CA ILE D 172 -4.58 -23.12 -8.01
C ILE D 172 -5.98 -23.58 -7.62
N SER D 173 -6.07 -24.85 -7.21
CA SER D 173 -7.33 -25.45 -6.83
C SER D 173 -7.88 -25.00 -5.49
N SER D 174 -9.17 -25.25 -5.27
CA SER D 174 -9.87 -24.85 -4.06
C SER D 174 -9.18 -25.25 -2.74
N ASP D 175 -8.37 -26.31 -2.79
CA ASP D 175 -7.68 -26.78 -1.60
C ASP D 175 -6.45 -25.93 -1.29
N MET D 176 -6.11 -25.04 -2.21
CA MET D 176 -4.93 -24.20 -2.04
C MET D 176 -5.19 -22.79 -1.51
N TYR D 177 -6.43 -22.51 -1.12
CA TYR D 177 -6.77 -21.20 -0.57
C TYR D 177 -8.05 -21.22 0.24
N THR D 178 -8.30 -20.14 0.98
CA THR D 178 -9.49 -20.05 1.82
C THR D 178 -10.40 -18.89 1.43
N ALA D 179 -11.70 -19.15 1.44
CA ALA D 179 -12.68 -18.12 1.11
C ALA D 179 -12.55 -16.99 2.14
N LEU D 180 -12.53 -15.76 1.65
CA LEU D 180 -12.37 -14.59 2.52
C LEU D 180 -13.41 -14.44 3.63
N ASN D 181 -14.61 -14.97 3.43
CA ASN D 181 -15.65 -14.85 4.45
C ASN D 181 -15.51 -15.95 5.51
N LYS D 182 -14.41 -16.69 5.45
CA LYS D 182 -14.14 -17.76 6.40
C LYS D 182 -12.78 -17.51 7.04
N ALA D 183 -12.10 -16.47 6.55
CA ALA D 183 -10.77 -16.10 7.03
C ALA D 183 -10.67 -16.05 8.56
N GLN D 184 -11.68 -15.46 9.21
CA GLN D 184 -11.68 -15.32 10.66
C GLN D 184 -11.74 -16.67 11.39
N ALA D 185 -12.14 -17.72 10.69
CA ALA D 185 -12.24 -19.05 11.31
C ALA D 185 -10.92 -19.81 11.32
N GLN D 186 -9.91 -19.28 10.61
CA GLN D 186 -8.61 -19.92 10.55
C GLN D 186 -7.78 -19.74 11.81
N LYS D 187 -6.97 -20.74 12.14
CA LYS D 187 -6.10 -20.70 13.32
C LYS D 187 -4.86 -19.85 13.07
N GLY D 188 -4.32 -19.96 11.87
CA GLY D 188 -3.13 -19.20 11.53
C GLY D 188 -3.23 -18.54 10.17
N ASP D 189 -2.15 -18.62 9.39
CA ASP D 189 -2.14 -18.01 8.06
C ASP D 189 -2.84 -18.91 7.04
N PHE D 190 -3.23 -18.31 5.92
CA PHE D 190 -3.93 -19.03 4.86
C PHE D 190 -3.65 -18.33 3.54
N ASP D 191 -4.21 -18.86 2.46
CA ASP D 191 -4.02 -18.27 1.15
C ASP D 191 -5.35 -17.75 0.62
N VAL D 192 -5.27 -16.80 -0.30
CA VAL D 192 -6.47 -16.21 -0.88
C VAL D 192 -6.30 -15.99 -2.37
N VAL D 193 -7.42 -16.04 -3.09
CA VAL D 193 -7.45 -15.80 -4.52
C VAL D 193 -8.57 -14.80 -4.72
N ALA D 194 -8.20 -13.59 -5.12
CA ALA D 194 -9.21 -12.55 -5.31
C ALA D 194 -8.87 -11.56 -6.40
N LYS D 195 -9.83 -10.71 -6.71
CA LYS D 195 -9.69 -9.69 -7.74
C LYS D 195 -9.36 -8.37 -7.06
N ILE D 196 -8.46 -7.60 -7.68
CA ILE D 196 -8.09 -6.30 -7.12
C ILE D 196 -9.13 -5.31 -7.62
N LEU D 197 -9.95 -4.81 -6.71
CA LEU D 197 -11.00 -3.85 -7.08
C LEU D 197 -10.46 -2.44 -7.15
N GLN D 198 -9.41 -2.16 -6.38
CA GLN D 198 -8.83 -0.84 -6.34
C GLN D 198 -7.46 -0.82 -5.69
N VAL D 199 -6.61 0.07 -6.17
CA VAL D 199 -5.26 0.23 -5.63
C VAL D 199 -5.18 1.66 -5.12
N HIS D 200 -5.16 1.80 -3.80
CA HIS D 200 -5.10 3.11 -3.16
C HIS D 200 -3.71 3.44 -2.63
N GLU D 201 -3.11 4.50 -3.16
CA GLU D 201 -1.79 4.93 -2.73
C GLU D 201 -1.92 5.57 -1.35
N LEU D 202 -1.78 4.75 -0.31
CA LEU D 202 -1.89 5.21 1.06
C LEU D 202 -0.83 6.24 1.37
N ASP D 203 0.40 5.96 0.94
CA ASP D 203 1.51 6.88 1.15
C ASP D 203 2.66 6.62 0.19
N GLU D 204 3.75 7.35 0.40
CA GLU D 204 4.95 7.27 -0.42
C GLU D 204 5.48 5.86 -0.69
N TYR D 205 5.40 4.97 0.30
CA TYR D 205 5.92 3.62 0.12
C TYR D 205 4.87 2.51 0.19
N THR D 206 3.61 2.85 0.41
CA THR D 206 2.60 1.82 0.55
C THR D 206 1.32 1.92 -0.28
N ASN D 207 0.89 0.77 -0.79
CA ASN D 207 -0.34 0.66 -1.57
C ASN D 207 -1.34 -0.10 -0.70
N GLU D 208 -2.61 0.22 -0.82
CA GLU D 208 -3.61 -0.51 -0.07
C GLU D 208 -4.51 -1.18 -1.10
N LEU D 209 -4.53 -2.51 -1.08
CA LEU D 209 -5.34 -3.27 -2.01
C LEU D 209 -6.75 -3.52 -1.49
N LYS D 210 -7.73 -3.30 -2.35
CA LYS D 210 -9.12 -3.55 -2.00
C LYS D 210 -9.41 -4.87 -2.70
N LEU D 211 -9.53 -5.94 -1.93
CA LEU D 211 -9.77 -7.25 -2.50
C LEU D 211 -11.17 -7.79 -2.29
N LYS D 212 -11.57 -8.70 -3.17
CA LYS D 212 -12.87 -9.35 -3.11
C LYS D 212 -12.73 -10.67 -3.87
N ASP D 213 -13.01 -11.78 -3.20
CA ASP D 213 -12.90 -13.08 -3.85
C ASP D 213 -14.27 -13.64 -4.25
N ALA D 214 -14.28 -14.88 -4.73
CA ALA D 214 -15.52 -15.51 -5.18
C ALA D 214 -16.61 -15.63 -4.13
N SER D 215 -16.25 -15.44 -2.85
CA SER D 215 -17.24 -15.55 -1.78
C SER D 215 -18.03 -14.25 -1.57
N GLY D 216 -17.58 -13.19 -2.23
CA GLY D 216 -18.26 -11.91 -2.10
C GLY D 216 -17.73 -10.97 -1.03
N GLN D 217 -16.95 -11.51 -0.10
CA GLN D 217 -16.39 -10.71 0.98
C GLN D 217 -15.29 -9.75 0.51
N VAL D 218 -15.25 -8.56 1.09
CA VAL D 218 -14.25 -7.57 0.75
C VAL D 218 -13.24 -7.44 1.88
N PHE D 219 -11.96 -7.34 1.51
CA PHE D 219 -10.89 -7.20 2.48
C PHE D 219 -9.86 -6.19 1.97
N TYR D 220 -9.13 -5.60 2.90
CA TYR D 220 -8.08 -4.65 2.55
C TYR D 220 -6.77 -5.21 3.07
N THR D 221 -5.67 -4.84 2.43
CA THR D 221 -4.37 -5.31 2.86
C THR D 221 -3.30 -4.35 2.34
N LEU D 222 -2.24 -4.19 3.12
CA LEU D 222 -1.17 -3.29 2.72
C LEU D 222 -0.18 -3.99 1.81
N SER D 223 0.11 -3.35 0.68
CA SER D 223 1.03 -3.90 -0.31
C SER D 223 2.09 -2.88 -0.68
N LEU D 224 3.31 -3.09 -0.19
CA LEU D 224 4.42 -2.18 -0.47
C LEU D 224 4.63 -2.03 -1.97
N LYS D 225 4.90 -0.79 -2.39
CA LYS D 225 5.12 -0.49 -3.80
C LYS D 225 6.33 -1.20 -4.40
N LEU D 226 7.45 -1.14 -3.70
CA LEU D 226 8.68 -1.77 -4.16
C LEU D 226 8.58 -3.28 -4.27
N LYS D 227 7.98 -3.91 -3.25
CA LYS D 227 7.84 -5.36 -3.22
C LYS D 227 6.89 -5.93 -4.27
N PHE D 228 5.72 -5.32 -4.41
CA PHE D 228 4.73 -5.78 -5.38
C PHE D 228 4.31 -4.66 -6.33
N PRO D 229 5.19 -4.28 -7.26
CA PRO D 229 4.90 -3.21 -8.23
C PRO D 229 3.96 -3.61 -9.37
N HIS D 230 3.58 -4.88 -9.40
CA HIS D 230 2.72 -5.39 -10.46
C HIS D 230 1.23 -5.45 -10.14
N VAL D 231 0.83 -5.03 -8.95
CA VAL D 231 -0.58 -5.05 -8.59
C VAL D 231 -1.36 -4.08 -9.49
N ARG D 232 -2.45 -4.58 -10.08
CA ARG D 232 -3.27 -3.76 -10.96
C ARG D 232 -4.76 -3.98 -10.72
N THR D 233 -5.51 -2.89 -10.74
CA THR D 233 -6.96 -2.95 -10.53
C THR D 233 -7.59 -3.77 -11.64
N GLY D 234 -8.52 -4.65 -11.27
CA GLY D 234 -9.19 -5.47 -12.26
C GLY D 234 -8.55 -6.84 -12.46
N GLU D 235 -7.33 -7.00 -11.96
CA GLU D 235 -6.63 -8.27 -12.09
C GLU D 235 -6.83 -9.21 -10.91
N VAL D 236 -6.71 -10.51 -11.17
CA VAL D 236 -6.87 -11.53 -10.16
C VAL D 236 -5.51 -12.00 -9.66
N VAL D 237 -5.35 -12.04 -8.34
CA VAL D 237 -4.09 -12.46 -7.74
C VAL D 237 -4.25 -13.54 -6.68
N ARG D 238 -3.17 -14.27 -6.44
CA ARG D 238 -3.13 -15.30 -5.41
C ARG D 238 -2.24 -14.71 -4.34
N ILE D 239 -2.70 -14.73 -3.09
CA ILE D 239 -1.90 -14.20 -2.01
C ILE D 239 -1.37 -15.37 -1.20
N ARG D 240 -0.06 -15.54 -1.18
CA ARG D 240 0.55 -16.64 -0.44
C ARG D 240 0.85 -16.22 1.00
N SER D 241 0.09 -16.78 1.93
CA SER D 241 0.23 -16.52 3.35
C SER D 241 -0.29 -15.17 3.84
N ALA D 242 -1.50 -15.18 4.40
CA ALA D 242 -2.11 -13.97 4.94
C ALA D 242 -2.77 -14.38 6.26
N THR D 243 -2.96 -13.40 7.14
CA THR D 243 -3.59 -13.68 8.43
C THR D 243 -4.68 -12.66 8.70
N TYR D 244 -5.74 -13.10 9.37
CA TYR D 244 -6.85 -12.23 9.71
C TYR D 244 -6.42 -11.28 10.82
N ASP D 245 -6.61 -9.98 10.60
CA ASP D 245 -6.24 -8.98 11.59
C ASP D 245 -7.40 -8.75 12.56
N GLU D 246 -7.28 -9.31 13.77
CA GLU D 246 -8.32 -9.16 14.77
C GLU D 246 -8.36 -7.78 15.42
N THR D 247 -7.36 -6.95 15.12
CA THR D 247 -7.32 -5.61 15.70
C THR D 247 -7.97 -4.57 14.79
N SER D 248 -8.14 -4.91 13.52
CA SER D 248 -8.77 -4.00 12.57
C SER D 248 -10.28 -4.04 12.78
N THR D 249 -10.80 -2.92 13.26
CA THR D 249 -12.21 -2.77 13.55
C THR D 249 -13.05 -2.14 12.48
N GLN D 250 -12.66 -0.95 12.07
CA GLN D 250 -13.40 -0.22 11.05
C GLN D 250 -13.52 -0.94 9.70
N LYS D 251 -12.56 -1.82 9.38
CA LYS D 251 -12.61 -2.55 8.13
C LYS D 251 -11.92 -3.91 8.22
N LYS D 252 -12.19 -4.76 7.23
CA LYS D 252 -11.61 -6.10 7.18
C LYS D 252 -10.20 -6.00 6.60
N VAL D 253 -9.20 -6.36 7.41
CA VAL D 253 -7.81 -6.28 6.97
C VAL D 253 -7.04 -7.60 7.00
N LEU D 254 -6.25 -7.82 5.94
CA LEU D 254 -5.42 -9.01 5.82
C LEU D 254 -3.99 -8.58 6.14
N ILE D 255 -3.30 -9.38 6.94
CA ILE D 255 -1.93 -9.07 7.31
C ILE D 255 -0.97 -9.97 6.55
N LEU D 256 0.08 -9.37 5.99
CA LEU D 256 1.07 -10.13 5.23
C LEU D 256 2.42 -10.08 5.95
N SER D 257 3.22 -11.13 5.77
CA SER D 257 4.54 -11.20 6.39
C SER D 257 5.62 -10.98 5.35
N HIS D 258 6.87 -10.87 5.78
CA HIS D 258 7.95 -10.63 4.83
C HIS D 258 8.11 -11.76 3.81
N TYR D 259 7.57 -12.95 4.12
CA TYR D 259 7.66 -14.06 3.19
C TYR D 259 6.41 -14.19 2.33
N SER D 260 5.39 -13.41 2.66
CA SER D 260 4.13 -13.43 1.91
C SER D 260 4.39 -13.00 0.47
N ASN D 261 3.55 -13.45 -0.45
CA ASN D 261 3.73 -13.12 -1.86
C ASN D 261 2.39 -12.90 -2.57
N ILE D 262 2.36 -11.93 -3.48
CA ILE D 262 1.17 -11.63 -4.26
C ILE D 262 1.51 -12.01 -5.70
N ILE D 263 0.81 -12.99 -6.23
CA ILE D 263 1.08 -13.52 -7.56
C ILE D 263 -0.05 -13.42 -8.59
N THR D 264 0.29 -12.96 -9.79
CA THR D 264 -0.69 -12.84 -10.88
C THR D 264 -0.65 -14.13 -11.69
N PHE D 265 -1.50 -14.24 -12.71
CA PHE D 265 -1.54 -15.43 -13.54
C PHE D 265 -1.26 -15.13 -15.00
N ILE D 266 -0.66 -16.10 -15.70
CA ILE D 266 -0.37 -15.92 -17.12
C ILE D 266 -1.71 -15.76 -17.84
N GLN D 267 -1.69 -15.06 -18.97
CA GLN D 267 -2.88 -14.79 -19.76
C GLN D 267 -3.85 -15.95 -20.00
N SER D 268 -3.33 -17.15 -20.17
CA SER D 268 -4.18 -18.31 -20.44
C SER D 268 -4.92 -18.89 -19.24
N SER D 269 -4.64 -18.39 -18.05
CA SER D 269 -5.28 -18.89 -16.84
C SER D 269 -6.81 -18.90 -16.88
N LYS D 270 -7.38 -20.10 -16.76
CA LYS D 270 -8.82 -20.28 -16.75
C LYS D 270 -9.42 -19.70 -15.47
N LEU D 271 -8.73 -19.91 -14.36
CA LEU D 271 -9.18 -19.42 -13.07
C LEU D 271 -9.23 -17.89 -13.04
N ALA D 272 -8.14 -17.26 -13.46
CA ALA D 272 -8.06 -15.81 -13.48
C ALA D 272 -9.13 -15.22 -14.41
N LYS D 273 -9.32 -15.86 -15.56
CA LYS D 273 -10.30 -15.40 -16.53
C LYS D 273 -11.70 -15.41 -15.93
N GLU D 274 -12.07 -16.50 -15.28
CA GLU D 274 -13.39 -16.64 -14.68
C GLU D 274 -13.61 -15.70 -13.50
N LEU D 275 -12.60 -15.51 -12.66
CA LEU D 275 -12.72 -14.63 -11.51
C LEU D 275 -12.82 -13.16 -11.92
N ARG D 276 -12.13 -12.81 -13.00
CA ARG D 276 -12.17 -11.44 -13.49
C ARG D 276 -13.60 -11.09 -13.89
N ALA D 277 -14.26 -12.03 -14.57
CA ALA D 277 -15.63 -11.83 -15.04
C ALA D 277 -16.70 -11.99 -13.96
N LYS D 278 -16.62 -13.08 -13.21
CA LYS D 278 -17.62 -13.36 -12.17
C LYS D 278 -17.63 -12.38 -10.99
N ILE D 279 -16.46 -11.92 -10.59
CA ILE D 279 -16.37 -10.99 -9.47
C ILE D 279 -16.55 -9.54 -9.93
N GLN D 280 -17.62 -8.90 -9.47
CA GLN D 280 -17.88 -7.53 -9.86
C GLN D 280 -17.68 -6.53 -8.73
N ASP D 281 -17.30 -5.31 -9.10
CA ASP D 281 -17.03 -4.24 -8.16
C ASP D 281 -18.10 -4.07 -7.08
N ASP D 282 -17.64 -3.92 -5.84
CA ASP D 282 -18.51 -3.74 -4.69
C ASP D 282 -18.30 -2.34 -4.13
N HIS D 283 -19.40 -1.67 -3.77
CA HIS D 283 -19.34 -0.33 -3.21
C HIS D 283 -20.13 -0.28 -1.91
N SER D 284 -20.49 -1.45 -1.40
CA SER D 284 -21.25 -1.55 -0.16
C SER D 284 -20.45 -1.06 1.04
N VAL D 285 -19.21 -1.57 1.16
CA VAL D 285 -18.29 -1.20 2.24
C VAL D 285 -18.10 0.19 2.08
N GLU D 286 -18.30 0.60 0.87
CA GLU D 286 -18.25 1.95 0.81
C GLU D 286 -19.72 2.26 1.43
N VAL D 287 -20.71 2.66 0.63
CA VAL D 287 -22.03 3.19 0.99
C VAL D 287 -22.21 3.42 2.45
N ALA D 288 -22.04 2.40 3.27
CA ALA D 288 -22.14 2.64 4.67
C ALA D 288 -21.35 3.86 5.16
N SER D 289 -20.37 4.42 4.40
CA SER D 289 -19.47 5.45 5.07
C SER D 289 -19.87 6.74 5.01
N LEU D 290 -20.58 6.92 3.94
CA LEU D 290 -21.13 8.13 3.66
C LEU D 290 -22.07 8.45 4.77
N LYS D 291 -22.26 7.56 5.74
CA LYS D 291 -23.19 7.88 6.82
C LYS D 291 -22.47 8.08 8.13
N LYS D 292 -21.15 7.96 8.07
CA LYS D 292 -20.30 8.13 9.24
C LYS D 292 -19.56 9.47 9.21
N ASN D 293 -19.24 9.99 10.39
CA ASN D 293 -18.53 11.26 10.50
C ASN D 293 -17.04 11.05 10.19
N VAL D 294 -16.58 9.82 10.32
CA VAL D 294 -15.18 9.48 10.05
C VAL D 294 -15.10 8.11 9.39
N SER D 295 -14.50 8.08 8.20
CA SER D 295 -14.36 6.84 7.45
C SER D 295 -12.91 6.37 7.35
N LEU D 296 -12.58 5.29 8.05
CA LEU D 296 -11.23 4.76 7.99
C LEU D 296 -11.02 4.07 6.64
N ASN D 297 -12.11 3.92 5.89
CA ASN D 297 -12.05 3.30 4.58
C ASN D 297 -11.98 4.39 3.52
N ALA D 298 -11.06 4.24 2.57
CA ALA D 298 -10.91 5.22 1.50
C ALA D 298 -12.10 5.16 0.56
N VAL D 299 -12.46 6.32 0.03
CA VAL D 299 -13.58 6.39 -0.89
C VAL D 299 -13.23 7.16 -2.17
N VAL D 300 -13.18 6.44 -3.28
CA VAL D 300 -12.88 7.06 -4.56
C VAL D 300 -14.21 7.50 -5.15
N LEU D 301 -14.46 8.82 -5.07
CA LEU D 301 -15.71 9.41 -5.53
C LEU D 301 -15.93 9.51 -7.02
N THR D 302 -14.87 9.63 -7.81
CA THR D 302 -15.06 9.77 -9.25
C THR D 302 -14.58 8.60 -10.10
N GLU D 303 -15.07 8.58 -11.33
CA GLU D 303 -14.76 7.55 -12.31
C GLU D 303 -14.41 8.26 -13.61
N VAL D 304 -13.28 7.88 -14.20
CA VAL D 304 -12.82 8.48 -15.44
C VAL D 304 -13.44 7.80 -16.66
N ASP D 305 -13.56 8.55 -17.76
CA ASP D 305 -14.13 8.03 -18.99
C ASP D 305 -13.39 6.78 -19.46
N LYS D 306 -14.15 5.77 -19.86
CA LYS D 306 -13.58 4.50 -20.31
C LYS D 306 -12.34 4.60 -21.20
N LYS D 307 -12.35 5.53 -22.15
CA LYS D 307 -11.22 5.69 -23.05
C LYS D 307 -9.89 6.05 -22.38
N HIS D 308 -9.94 6.43 -21.11
CA HIS D 308 -8.73 6.80 -20.38
C HIS D 308 -8.30 5.73 -19.38
N ALA D 309 -9.18 4.78 -19.12
CA ALA D 309 -8.91 3.70 -18.16
C ALA D 309 -7.49 3.13 -18.28
N ALA D 310 -6.91 3.23 -19.46
CA ALA D 310 -5.56 2.70 -19.70
C ALA D 310 -4.47 3.75 -19.51
N LEU D 311 -4.86 5.01 -19.41
CA LEU D 311 -3.91 6.11 -19.25
C LEU D 311 -3.22 6.03 -17.88
N PRO D 312 -1.88 6.11 -17.86
CA PRO D 312 -1.13 6.06 -16.60
C PRO D 312 -1.33 7.35 -15.80
N SER D 313 -1.19 7.28 -14.48
CA SER D 313 -1.37 8.45 -13.64
C SER D 313 -0.08 9.23 -13.39
N THR D 314 -0.24 10.51 -13.11
CA THR D 314 0.87 11.40 -12.83
C THR D 314 0.63 12.07 -11.47
N SER D 315 1.61 11.95 -10.58
CA SER D 315 1.49 12.52 -9.24
C SER D 315 1.37 14.04 -9.26
N LEU D 316 0.90 14.61 -8.16
CA LEU D 316 0.75 16.05 -8.03
C LEU D 316 2.14 16.66 -8.05
N GLN D 317 3.10 15.96 -7.45
CA GLN D 317 4.49 16.41 -7.40
C GLN D 317 4.98 16.69 -8.81
N ASP D 318 4.79 15.73 -9.71
CA ASP D 318 5.23 15.87 -11.10
C ASP D 318 4.40 16.91 -11.85
N LEU D 319 3.09 16.89 -11.61
CA LEU D 319 2.16 17.79 -12.26
C LEU D 319 2.41 19.27 -11.98
N PHE D 320 2.72 19.60 -10.72
CA PHE D 320 2.94 21.00 -10.35
C PHE D 320 4.38 21.43 -10.10
N HIS D 321 5.29 20.48 -9.90
CA HIS D 321 6.68 20.83 -9.63
C HIS D 321 7.68 20.45 -10.73
N HIS D 322 7.28 19.54 -11.61
CA HIS D 322 8.19 19.11 -12.67
C HIS D 322 7.65 19.23 -14.10
N ALA D 323 6.35 19.46 -14.25
CA ALA D 323 5.74 19.57 -15.57
C ALA D 323 6.36 20.59 -16.53
N ASP D 324 7.11 21.55 -15.99
CA ASP D 324 7.74 22.57 -16.82
C ASP D 324 9.24 22.35 -16.97
N SER D 325 9.70 21.16 -16.58
CA SER D 325 11.12 20.84 -16.66
C SER D 325 11.38 19.44 -17.21
N ASP D 326 10.54 18.48 -16.80
CA ASP D 326 10.69 17.10 -17.26
C ASP D 326 10.27 16.94 -18.72
N LYS D 327 11.20 16.43 -19.54
CA LYS D 327 10.97 16.22 -20.96
C LYS D 327 9.66 15.47 -21.26
N GLU D 328 9.46 14.35 -20.58
CA GLU D 328 8.27 13.54 -20.80
C GLU D 328 6.95 14.25 -20.49
N LEU D 329 6.89 14.93 -19.35
CA LEU D 329 5.69 15.64 -18.95
C LEU D 329 5.37 16.85 -19.83
N GLN D 330 6.41 17.43 -20.44
CA GLN D 330 6.25 18.59 -21.30
C GLN D 330 5.51 18.28 -22.60
N ALA D 331 5.73 17.09 -23.15
CA ALA D 331 5.10 16.70 -24.40
C ALA D 331 3.66 16.22 -24.24
N GLN D 332 3.13 16.32 -23.02
CA GLN D 332 1.77 15.87 -22.74
C GLN D 332 0.90 17.03 -22.25
N ASP D 333 -0.36 17.05 -22.68
CA ASP D 333 -1.29 18.10 -22.25
C ASP D 333 -2.50 17.48 -21.56
N THR D 334 -2.57 16.16 -21.58
CA THR D 334 -3.65 15.43 -20.95
C THR D 334 -3.08 14.39 -19.99
N PHE D 335 -3.42 14.52 -18.71
CA PHE D 335 -2.93 13.59 -17.70
C PHE D 335 -4.04 12.99 -16.88
N ARG D 336 -3.69 11.99 -16.08
CA ARG D 336 -4.61 11.35 -15.18
C ARG D 336 -3.90 11.42 -13.84
N THR D 337 -4.65 11.69 -12.78
CA THR D 337 -4.05 11.80 -11.46
C THR D 337 -5.08 11.52 -10.38
N GLN D 338 -4.60 11.35 -9.16
CA GLN D 338 -5.48 11.10 -8.03
C GLN D 338 -5.16 12.11 -6.94
N PHE D 339 -6.15 12.42 -6.10
CA PHE D 339 -5.96 13.40 -5.04
C PHE D 339 -7.19 13.55 -4.16
N TYR D 340 -7.06 14.34 -3.11
CA TYR D 340 -8.19 14.60 -2.23
C TYR D 340 -8.35 16.11 -2.15
N VAL D 341 -9.59 16.57 -2.09
CA VAL D 341 -9.88 17.99 -2.02
C VAL D 341 -9.82 18.52 -0.59
N THR D 342 -9.03 19.56 -0.40
CA THR D 342 -8.88 20.17 0.92
C THR D 342 -9.90 21.29 1.11
N LYS D 343 -10.16 22.02 0.03
CA LYS D 343 -11.08 23.13 0.07
C LYS D 343 -11.62 23.41 -1.34
N ILE D 344 -12.86 23.87 -1.42
CA ILE D 344 -13.47 24.18 -2.71
C ILE D 344 -13.80 25.66 -2.76
N GLU D 345 -13.33 26.33 -3.81
CA GLU D 345 -13.59 27.76 -4.00
C GLU D 345 -14.42 27.95 -5.26
N PRO D 346 -15.34 28.93 -5.25
CA PRO D 346 -15.63 29.82 -4.13
C PRO D 346 -16.35 29.11 -2.98
N SER D 347 -16.14 29.63 -1.77
CA SER D 347 -16.75 29.05 -0.57
C SER D 347 -18.25 28.83 -0.70
N ASP D 348 -18.95 29.86 -1.19
CA ASP D 348 -20.39 29.79 -1.37
C ASP D 348 -20.75 28.90 -2.56
N VAL D 349 -21.34 27.74 -2.27
CA VAL D 349 -21.71 26.80 -3.33
C VAL D 349 -22.60 27.47 -4.37
N LYS D 350 -23.35 28.48 -3.96
CA LYS D 350 -24.23 29.21 -4.87
C LYS D 350 -23.49 29.90 -6.00
N GLU D 351 -22.22 30.24 -5.76
CA GLU D 351 -21.40 30.92 -6.76
C GLU D 351 -20.60 29.96 -7.64
N TRP D 352 -20.81 28.66 -7.47
CA TRP D 352 -20.09 27.67 -8.27
C TRP D 352 -20.44 27.84 -9.75
N VAL D 353 -21.70 28.15 -10.02
CA VAL D 353 -22.16 28.35 -11.38
C VAL D 353 -22.30 29.84 -11.66
N LYS D 354 -21.56 30.32 -12.66
CA LYS D 354 -21.56 31.72 -13.03
C LYS D 354 -22.11 31.89 -14.44
N GLY D 355 -22.46 33.13 -14.78
CA GLY D 355 -22.95 33.41 -16.11
C GLY D 355 -21.72 33.72 -16.94
N TYR D 356 -21.67 33.22 -18.17
CA TYR D 356 -20.49 33.44 -19.01
C TYR D 356 -20.81 34.15 -20.33
N ASP D 357 -20.03 35.18 -20.62
CA ASP D 357 -20.20 35.95 -21.86
C ASP D 357 -19.12 35.50 -22.84
N ARG D 358 -19.52 34.67 -23.79
CA ARG D 358 -18.62 34.10 -24.80
C ARG D 358 -17.77 35.12 -25.56
N LYS D 359 -18.30 36.33 -25.74
CA LYS D 359 -17.60 37.36 -26.48
C LYS D 359 -16.55 38.13 -25.68
N THR D 360 -16.86 38.48 -24.43
CA THR D 360 -15.91 39.22 -23.60
C THR D 360 -15.04 38.30 -22.74
N LYS D 361 -15.30 37.01 -22.81
CA LYS D 361 -14.55 36.03 -22.03
C LYS D 361 -14.58 36.36 -20.55
N LYS D 362 -15.74 36.80 -20.06
CA LYS D 362 -15.91 37.15 -18.66
C LYS D 362 -17.11 36.43 -18.04
N SER D 363 -17.03 36.21 -16.74
CA SER D 363 -18.11 35.54 -16.01
C SER D 363 -18.60 36.49 -14.92
N SER D 364 -19.80 36.24 -14.41
CA SER D 364 -20.37 37.07 -13.35
C SER D 364 -21.31 36.27 -12.46
N SER D 365 -21.58 36.81 -11.27
CA SER D 365 -22.46 36.16 -10.29
C SER D 365 -23.79 35.87 -10.93
N LEU D 366 -24.41 34.76 -10.55
CA LEU D 366 -25.70 34.42 -11.13
C LEU D 366 -26.78 35.23 -10.57
N LYS D 367 -26.53 36.50 -10.75
CA LYS D 367 -27.50 37.43 -10.47
C LYS D 367 -27.37 37.89 -12.10
N LYS D 372 -26.72 37.05 -13.03
CA LYS D 372 -26.61 37.19 -14.62
C LYS D 372 -25.61 36.58 -15.85
N GLY D 373 -26.03 35.60 -16.74
CA GLY D 373 -25.23 35.03 -17.93
C GLY D 373 -25.50 33.69 -18.80
N ASP D 374 -24.53 33.10 -19.57
CA ASP D 374 -24.74 31.78 -20.31
C ASP D 374 -24.26 30.97 -19.10
N ASN D 375 -24.96 29.93 -18.65
CA ASN D 375 -24.51 29.25 -17.43
C ASN D 375 -23.37 28.23 -17.52
N ILE D 376 -22.40 28.36 -16.62
CA ILE D 376 -21.25 27.46 -16.57
C ILE D 376 -20.72 27.26 -15.14
N PHE D 377 -19.92 26.21 -14.96
CA PHE D 377 -19.32 25.94 -13.67
C PHE D 377 -17.94 26.59 -13.69
N GLN D 378 -17.58 27.24 -12.58
CA GLN D 378 -16.27 27.87 -12.46
C GLN D 378 -15.82 27.56 -11.05
N VAL D 379 -15.50 26.29 -10.82
CA VAL D 379 -15.08 25.81 -9.51
C VAL D 379 -13.58 25.59 -9.46
N GLN D 380 -12.99 25.92 -8.32
CA GLN D 380 -11.56 25.77 -8.12
C GLN D 380 -11.26 24.92 -6.89
N PHE D 381 -10.75 23.71 -7.14
CA PHE D 381 -10.41 22.79 -6.06
C PHE D 381 -8.99 23.01 -5.57
N LEU D 382 -8.81 22.88 -4.26
CA LEU D 382 -7.49 22.98 -3.65
C LEU D 382 -7.22 21.54 -3.26
N VAL D 383 -6.27 20.91 -3.92
CA VAL D 383 -5.97 19.51 -3.68
C VAL D 383 -4.60 19.18 -3.11
N LYS D 384 -4.42 17.90 -2.80
CA LYS D 384 -3.17 17.40 -2.22
C LYS D 384 -3.19 15.88 -2.40
N ASP D 385 -2.01 15.25 -2.41
CA ASP D 385 -1.95 13.80 -2.57
C ASP D 385 -0.77 13.18 -1.81
N ALA D 386 -0.59 11.88 -1.96
CA ALA D 386 0.48 11.16 -1.29
C ALA D 386 1.86 11.72 -1.58
N SER D 387 2.10 12.12 -2.83
CA SER D 387 3.41 12.65 -3.23
C SER D 387 3.73 14.02 -2.64
N THR D 388 2.71 14.72 -2.16
CA THR D 388 2.90 16.05 -1.58
C THR D 388 2.34 16.12 -0.17
N GLN D 389 2.00 14.97 0.38
CA GLN D 389 1.43 14.85 1.72
C GLN D 389 2.09 15.69 2.81
N LEU D 390 3.42 15.70 2.83
CA LEU D 390 4.16 16.42 3.86
C LEU D 390 4.48 17.90 3.66
N ASN D 391 4.46 18.40 2.42
CA ASN D 391 4.78 19.81 2.21
C ASN D 391 3.67 20.76 2.65
N ASN D 392 4.00 22.05 2.68
CA ASN D 392 3.06 23.09 3.10
C ASN D 392 2.24 23.66 1.95
N ASN D 393 2.03 22.89 0.89
CA ASN D 393 1.27 23.37 -0.26
C ASN D 393 -0.06 22.65 -0.45
N THR D 394 -0.89 23.25 -1.31
CA THR D 394 -2.18 22.70 -1.69
C THR D 394 -2.22 23.15 -3.15
N TYR D 395 -2.80 22.35 -4.03
CA TYR D 395 -2.79 22.71 -5.43
C TYR D 395 -4.15 22.96 -6.08
N ARG D 396 -4.16 23.91 -7.02
CA ARG D 396 -5.38 24.27 -7.73
C ARG D 396 -5.66 23.43 -8.96
N VAL D 397 -6.85 22.84 -8.97
CA VAL D 397 -7.33 22.02 -10.08
C VAL D 397 -8.68 22.65 -10.41
N LEU D 398 -8.88 23.01 -11.68
CA LEU D 398 -10.10 23.69 -12.07
C LEU D 398 -11.18 22.87 -12.75
N LEU D 399 -12.41 23.35 -12.57
CA LEU D 399 -13.58 22.76 -13.19
C LEU D 399 -14.28 23.93 -13.86
N TYR D 400 -13.69 24.38 -14.96
CA TYR D 400 -14.22 25.48 -15.76
C TYR D 400 -14.82 24.80 -16.99
N THR D 401 -16.15 24.74 -17.02
CA THR D 401 -16.87 24.05 -18.09
C THR D 401 -17.38 24.87 -19.29
N GLN D 402 -17.03 26.14 -19.37
CA GLN D 402 -17.51 26.97 -20.48
C GLN D 402 -17.22 26.37 -21.86
N ASP D 403 -16.19 25.54 -21.97
CA ASP D 403 -15.86 24.93 -23.24
C ASP D 403 -16.23 23.45 -23.32
N GLY D 404 -16.97 22.98 -22.32
CA GLY D 404 -17.40 21.59 -22.31
C GLY D 404 -16.64 20.66 -21.37
N LEU D 405 -15.38 20.97 -21.10
CA LEU D 405 -14.57 20.13 -20.22
C LEU D 405 -15.13 20.04 -18.80
N GLY D 406 -15.53 18.84 -18.40
CA GLY D 406 -16.06 18.62 -17.07
C GLY D 406 -17.48 19.10 -16.84
N ALA D 407 -18.21 19.33 -17.93
CA ALA D 407 -19.59 19.81 -17.83
C ALA D 407 -20.51 18.93 -16.99
N ASN D 408 -20.27 17.61 -16.99
CA ASN D 408 -21.11 16.69 -16.23
C ASN D 408 -20.45 16.12 -14.97
N PHE D 409 -19.40 16.77 -14.48
CA PHE D 409 -18.69 16.30 -13.30
C PHE D 409 -19.61 16.00 -12.11
N PHE D 410 -20.51 16.94 -11.80
CA PHE D 410 -21.42 16.80 -10.66
C PHE D 410 -22.72 16.05 -10.93
N ASN D 411 -22.95 15.64 -12.17
CA ASN D 411 -24.20 14.96 -12.51
C ASN D 411 -25.33 15.94 -12.27
N VAL D 412 -25.01 17.21 -12.49
CA VAL D 412 -25.96 18.32 -12.32
C VAL D 412 -25.61 19.34 -13.39
N LYS D 413 -26.49 19.48 -14.39
CA LYS D 413 -26.23 20.45 -15.44
C LYS D 413 -26.21 21.83 -14.81
N ALA D 414 -25.34 22.70 -15.32
CA ALA D 414 -25.21 24.06 -14.79
C ALA D 414 -26.57 24.75 -14.74
N ASP D 415 -26.80 25.52 -13.67
CA ASP D 415 -28.05 26.24 -13.49
C ASP D 415 -27.86 27.29 -12.40
N ASN D 416 -28.68 28.33 -12.42
CA ASN D 416 -28.61 29.38 -11.41
C ASN D 416 -28.87 28.73 -10.07
N LEU D 417 -27.82 28.55 -9.26
CA LEU D 417 -27.95 27.91 -7.96
C LEU D 417 -28.66 28.78 -6.93
N HIS D 418 -28.88 30.05 -7.27
CA HIS D 418 -29.55 30.98 -6.36
C HIS D 418 -31.06 30.76 -6.46
N LYS D 419 -31.48 30.15 -7.57
CA LYS D 419 -32.91 29.90 -7.80
C LYS D 419 -33.30 28.42 -7.78
N ASN D 420 -32.46 27.57 -8.37
CA ASN D 420 -32.76 26.13 -8.40
C ASN D 420 -32.31 25.44 -7.12
N ALA D 421 -33.21 25.36 -6.14
CA ALA D 421 -32.91 24.74 -4.86
C ALA D 421 -32.41 23.30 -4.98
N ASP D 422 -33.04 22.52 -5.86
CA ASP D 422 -32.66 21.13 -6.04
C ASP D 422 -31.21 20.99 -6.49
N ALA D 423 -30.79 21.84 -7.42
CA ALA D 423 -29.42 21.81 -7.92
C ALA D 423 -28.43 22.24 -6.84
N ARG D 424 -28.78 23.32 -6.14
CA ARG D 424 -27.93 23.83 -5.07
C ARG D 424 -27.72 22.77 -3.99
N LYS D 425 -28.78 22.05 -3.68
CA LYS D 425 -28.72 21.02 -2.65
C LYS D 425 -27.82 19.85 -3.02
N LYS D 426 -27.92 19.37 -4.25
CA LYS D 426 -27.09 18.25 -4.68
C LYS D 426 -25.63 18.64 -4.71
N LEU D 427 -25.34 19.88 -5.10
CA LEU D 427 -23.97 20.37 -5.16
C LEU D 427 -23.42 20.59 -3.76
N GLU D 428 -24.28 20.99 -2.83
CA GLU D 428 -23.84 21.21 -1.46
C GLU D 428 -23.44 19.87 -0.89
N ASP D 429 -24.28 18.85 -1.10
CA ASP D 429 -23.99 17.51 -0.62
C ASP D 429 -22.67 17.02 -1.18
N SER D 430 -22.48 17.22 -2.48
CA SER D 430 -21.25 16.80 -3.14
C SER D 430 -20.04 17.48 -2.52
N ALA D 431 -20.21 18.76 -2.16
CA ALA D 431 -19.13 19.53 -1.56
C ALA D 431 -18.69 18.92 -0.23
N GLU D 432 -19.66 18.45 0.56
CA GLU D 432 -19.34 17.84 1.86
C GLU D 432 -18.57 16.54 1.66
N LEU D 433 -18.98 15.75 0.66
CA LEU D 433 -18.33 14.48 0.38
C LEU D 433 -16.90 14.68 -0.09
N LEU D 434 -16.70 15.61 -1.01
CA LEU D 434 -15.38 15.91 -1.56
C LEU D 434 -14.34 16.41 -0.56
N THR D 435 -14.78 17.18 0.45
CA THR D 435 -13.85 17.72 1.44
C THR D 435 -13.74 16.86 2.70
N LYS D 436 -14.49 15.75 2.72
CA LYS D 436 -14.48 14.84 3.87
C LYS D 436 -13.21 14.00 3.87
N PHE D 437 -12.67 13.72 5.05
CA PHE D 437 -11.47 12.90 5.14
C PHE D 437 -11.63 11.58 4.41
N ASN D 438 -10.54 11.11 3.82
CA ASN D 438 -10.50 9.85 3.08
C ASN D 438 -11.32 9.81 1.79
N SER D 439 -11.74 10.99 1.33
CA SER D 439 -12.47 11.06 0.07
C SER D 439 -11.40 11.39 -0.97
N TYR D 440 -11.48 10.75 -2.12
CA TYR D 440 -10.50 11.00 -3.16
C TYR D 440 -11.13 11.14 -4.53
N VAL D 441 -10.38 11.76 -5.44
CA VAL D 441 -10.84 11.96 -6.80
C VAL D 441 -9.88 11.35 -7.80
N ASP D 442 -10.44 10.61 -8.75
CA ASP D 442 -9.67 9.99 -9.81
C ASP D 442 -10.08 10.79 -11.03
N ALA D 443 -9.18 11.60 -11.56
CA ALA D 443 -9.55 12.43 -12.70
C ALA D 443 -8.51 12.61 -13.79
N VAL D 444 -9.01 13.03 -14.95
CA VAL D 444 -8.18 13.31 -16.11
C VAL D 444 -8.20 14.82 -16.23
N VAL D 445 -7.06 15.41 -16.53
CA VAL D 445 -6.96 16.85 -16.65
C VAL D 445 -6.29 17.29 -17.93
N GLU D 446 -6.61 18.49 -18.36
CA GLU D 446 -6.01 19.04 -19.57
C GLU D 446 -5.27 20.32 -19.18
N ARG D 447 -4.04 20.42 -19.63
CA ARG D 447 -3.21 21.58 -19.32
C ARG D 447 -3.45 22.75 -20.25
N ARG D 448 -3.87 23.88 -19.67
CA ARG D 448 -4.11 25.09 -20.43
C ARG D 448 -3.52 26.31 -19.72
N ASN D 449 -2.70 27.05 -20.45
CA ASN D 449 -2.05 28.25 -19.94
C ASN D 449 -1.59 28.12 -18.48
N GLY D 450 -0.89 27.02 -18.19
CA GLY D 450 -0.37 26.81 -16.85
C GLY D 450 -1.33 26.24 -15.81
N PHE D 451 -2.54 25.87 -16.22
CA PHE D 451 -3.50 25.32 -15.28
C PHE D 451 -4.08 24.00 -15.76
N TYR D 452 -4.59 23.21 -14.82
CA TYR D 452 -5.18 21.93 -15.16
C TYR D 452 -6.70 21.94 -15.02
N LEU D 453 -7.39 21.53 -16.07
CA LEU D 453 -8.85 21.49 -16.07
C LEU D 453 -9.36 20.06 -16.09
N ILE D 454 -10.34 19.77 -15.23
CA ILE D 454 -10.93 18.45 -15.16
C ILE D 454 -11.77 18.19 -16.41
N LYS D 455 -11.69 16.98 -16.94
CA LYS D 455 -12.45 16.59 -18.12
C LYS D 455 -12.65 15.09 -18.16
N ASP D 456 -13.72 14.65 -18.79
CA ASP D 456 -14.04 13.23 -18.90
C ASP D 456 -14.08 12.56 -17.52
N THR D 457 -14.55 13.29 -16.51
CA THR D 457 -14.63 12.78 -15.11
C THR D 457 -16.00 13.17 -14.43
N LYS D 458 -16.62 12.27 -13.59
CA LYS D 458 -17.99 12.37 -12.79
C LYS D 458 -18.09 11.41 -11.28
N GLN E 2 -12.72 -2.09 18.03
CA GLN E 2 -11.40 -2.89 19.31
C GLN E 2 -10.76 -4.18 20.67
N GLN E 3 -9.53 -4.80 20.50
CA GLN E 3 -8.59 -5.82 21.36
C GLN E 3 -7.08 -5.42 21.82
N SER E 4 -6.35 -4.75 20.93
CA SER E 4 -4.97 -4.30 21.18
C SER E 4 -4.93 -3.08 22.10
N ALA E 5 -4.42 -3.27 23.32
CA ALA E 5 -4.35 -2.18 24.29
C ALA E 5 -3.61 -0.99 23.70
N PHE E 6 -2.44 -1.26 23.12
CA PHE E 6 -1.63 -0.21 22.51
C PHE E 6 -2.37 0.51 21.39
N LYS E 7 -2.95 -0.26 20.47
CA LYS E 7 -3.68 0.31 19.35
C LYS E 7 -4.78 1.26 19.84
N GLN E 8 -5.50 0.84 20.87
CA GLN E 8 -6.58 1.66 21.43
C GLN E 8 -6.00 2.91 22.07
N LEU E 9 -4.98 2.73 22.91
CA LEU E 9 -4.32 3.83 23.62
C LEU E 9 -3.79 4.89 22.67
N TYR E 10 -3.00 4.47 21.68
CA TYR E 10 -2.41 5.39 20.72
C TYR E 10 -3.46 6.04 19.82
N THR E 11 -4.52 5.30 19.51
CA THR E 11 -5.59 5.83 18.67
C THR E 11 -6.37 6.90 19.42
N GLU E 12 -6.67 6.65 20.69
CA GLU E 12 -7.39 7.62 21.49
C GLU E 12 -6.58 8.89 21.67
N LEU E 13 -5.26 8.76 21.76
CA LEU E 13 -4.39 9.91 21.93
C LEU E 13 -4.52 10.83 20.72
N PHE E 14 -4.36 10.27 19.53
CA PHE E 14 -4.47 11.04 18.29
C PHE E 14 -5.88 11.60 18.10
N ASN E 15 -6.89 10.85 18.49
CA ASN E 15 -8.27 11.30 18.34
C ASN E 15 -8.66 12.34 19.38
N ASN E 16 -7.68 12.78 20.17
CA ASN E 16 -7.91 13.78 21.20
C ASN E 16 -6.74 14.77 21.21
N GLU E 17 -6.42 15.28 20.02
CA GLU E 17 -5.34 16.24 19.81
C GLU E 17 -4.14 16.13 20.76
N GLY E 18 -3.54 14.95 20.81
CA GLY E 18 -2.37 14.73 21.64
C GLY E 18 -2.49 15.10 23.10
N ASP E 19 -3.72 15.19 23.61
CA ASP E 19 -3.94 15.54 25.01
C ASP E 19 -4.17 14.27 25.81
N PHE E 20 -3.16 13.85 26.56
CA PHE E 20 -3.25 12.61 27.35
C PHE E 20 -4.25 12.68 28.50
N SER E 21 -4.70 13.88 28.85
CA SER E 21 -5.67 14.03 29.94
C SER E 21 -7.08 13.76 29.44
N LYS E 22 -7.27 13.85 28.12
CA LYS E 22 -8.58 13.61 27.53
C LYS E 22 -8.81 12.16 27.14
N VAL E 23 -7.78 11.33 27.28
CA VAL E 23 -7.92 9.91 26.94
C VAL E 23 -8.56 9.18 28.12
N SER E 24 -9.46 8.26 27.81
CA SER E 24 -10.16 7.48 28.83
C SER E 24 -9.29 7.15 30.04
N SER E 25 -9.86 7.31 31.23
CA SER E 25 -9.14 7.04 32.46
C SER E 25 -9.03 5.54 32.72
N ASN E 26 -10.02 4.77 32.26
CA ASN E 26 -10.02 3.32 32.45
C ASN E 26 -8.97 2.64 31.56
N LEU E 27 -8.13 3.44 30.93
CA LEU E 27 -7.08 2.90 30.06
C LEU E 27 -5.70 3.22 30.63
N LYS E 28 -5.69 4.03 31.70
CA LYS E 28 -4.45 4.43 32.34
C LYS E 28 -4.07 3.48 33.47
N LYS E 29 -4.28 2.19 33.25
CA LYS E 29 -3.95 1.17 34.24
C LYS E 29 -2.59 0.56 33.89
N PRO E 30 -1.98 -0.19 34.82
CA PRO E 30 -0.67 -0.80 34.57
C PRO E 30 -0.60 -1.57 33.25
N LEU E 31 0.54 -1.49 32.58
CA LEU E 31 0.73 -2.15 31.29
C LEU E 31 1.62 -3.38 31.36
N LYS E 32 1.01 -4.56 31.23
CA LYS E 32 1.74 -5.82 31.24
C LYS E 32 2.08 -6.19 29.80
N CYS E 33 3.35 -6.04 29.43
CA CYS E 33 3.76 -6.35 28.06
C CYS E 33 5.02 -7.21 27.95
N TYR E 34 5.09 -7.94 26.85
CA TYR E 34 6.20 -8.85 26.53
C TYR E 34 7.30 -8.10 25.78
N VAL E 35 8.55 -8.38 26.13
CA VAL E 35 9.70 -7.74 25.48
C VAL E 35 10.17 -8.50 24.25
N LYS E 36 9.90 -7.94 23.08
CA LYS E 36 10.30 -8.56 21.81
C LYS E 36 11.78 -8.37 21.50
N GLU E 37 12.31 -7.19 21.83
CA GLU E 37 13.72 -6.87 21.59
C GLU E 37 14.20 -5.89 22.66
N SER E 38 15.49 -5.94 22.98
CA SER E 38 16.07 -5.04 23.98
C SER E 38 17.19 -4.19 23.44
N TYR E 39 17.80 -4.65 22.36
CA TYR E 39 18.88 -3.93 21.72
C TYR E 39 19.09 -4.52 20.32
N PRO E 40 19.40 -3.66 19.35
CA PRO E 40 19.67 -2.24 19.55
C PRO E 40 18.39 -1.41 19.79
N HIS E 41 17.23 -2.01 19.54
CA HIS E 41 15.97 -1.30 19.74
C HIS E 41 15.11 -2.02 20.79
N PHE E 42 14.73 -1.29 21.84
CA PHE E 42 13.91 -1.89 22.89
C PHE E 42 12.45 -1.82 22.43
N LEU E 43 11.86 -2.98 22.15
CA LEU E 43 10.48 -3.04 21.69
C LEU E 43 9.64 -4.02 22.49
N VAL E 44 8.49 -3.57 22.96
CA VAL E 44 7.59 -4.40 23.74
C VAL E 44 6.26 -4.58 23.00
N THR E 45 5.60 -5.71 23.23
CA THR E 45 4.32 -5.99 22.57
C THR E 45 3.18 -6.15 23.56
N ASP E 46 1.96 -6.09 23.05
CA ASP E 46 0.77 -6.26 23.88
C ASP E 46 0.00 -7.46 23.35
N GLY E 47 0.68 -8.27 22.55
CA GLY E 47 0.07 -9.45 21.98
C GLY E 47 -0.44 -9.24 20.56
N TYR E 48 -0.26 -8.03 20.03
CA TYR E 48 -0.70 -7.72 18.68
C TYR E 48 0.23 -6.75 17.97
N PHE E 49 0.78 -5.80 18.71
CA PHE E 49 1.70 -4.82 18.13
C PHE E 49 2.90 -4.56 19.03
N PHE E 50 3.92 -3.94 18.47
CA PHE E 50 5.10 -3.61 19.25
C PHE E 50 5.34 -2.10 19.15
N VAL E 51 5.80 -1.52 20.25
CA VAL E 51 6.08 -0.09 20.31
C VAL E 51 7.36 0.10 21.09
N ALA E 52 7.99 1.25 20.93
CA ALA E 52 9.24 1.52 21.62
C ALA E 52 9.02 2.37 22.87
N PRO E 53 9.25 1.79 24.05
CA PRO E 53 9.06 2.52 25.30
C PRO E 53 10.20 3.52 25.51
N TYR E 54 9.87 4.71 26.01
CA TYR E 54 10.87 5.73 26.25
C TYR E 54 11.04 5.92 27.76
N PHE E 55 12.15 5.42 28.28
CA PHE E 55 12.44 5.49 29.71
C PHE E 55 13.06 6.81 30.16
N THR E 56 12.61 7.28 31.31
CA THR E 56 13.13 8.52 31.90
C THR E 56 14.39 8.12 32.66
N LYS E 57 15.28 9.08 32.91
CA LYS E 57 16.51 8.77 33.64
C LYS E 57 16.16 8.23 35.03
N GLU E 58 15.08 8.74 35.59
CA GLU E 58 14.63 8.32 36.92
C GLU E 58 14.16 6.86 36.84
N ALA E 59 13.43 6.54 35.78
CA ALA E 59 12.89 5.21 35.57
C ALA E 59 13.95 4.11 35.64
N VAL E 60 15.10 4.34 35.01
CA VAL E 60 16.16 3.35 35.02
C VAL E 60 16.90 3.33 36.35
N ASN E 61 17.19 4.49 36.91
CA ASN E 61 17.88 4.57 38.19
C ASN E 61 17.08 3.81 39.25
N GLU E 62 15.77 4.03 39.25
CA GLU E 62 14.88 3.36 40.20
C GLU E 62 14.92 1.86 39.96
N PHE E 63 14.79 1.46 38.71
CA PHE E 63 14.83 0.07 38.30
C PHE E 63 16.14 -0.57 38.77
N HIS E 64 17.24 0.07 38.41
CA HIS E 64 18.57 -0.39 38.77
C HIS E 64 18.80 -0.53 40.28
N ALA E 65 17.85 -0.06 41.07
CA ALA E 65 17.96 -0.13 42.53
C ALA E 65 17.08 -1.25 43.08
N LYS E 66 15.79 -1.20 42.76
CA LYS E 66 14.85 -2.21 43.23
C LYS E 66 15.09 -3.55 42.54
N PHE E 67 16.02 -3.56 41.59
CA PHE E 67 16.37 -4.78 40.87
C PHE E 67 17.84 -4.74 40.49
N PRO E 68 18.73 -4.97 41.46
CA PRO E 68 20.17 -4.96 41.23
C PRO E 68 20.63 -6.11 40.32
N ASN E 69 21.57 -5.79 39.43
CA ASN E 69 22.16 -6.76 38.51
C ASN E 69 21.27 -7.28 37.38
N VAL E 70 19.97 -7.05 37.46
CA VAL E 70 19.07 -7.51 36.40
C VAL E 70 19.11 -6.49 35.27
N ASN E 71 20.04 -6.67 34.34
CA ASN E 71 20.21 -5.74 33.22
C ASN E 71 18.98 -5.58 32.33
N ILE E 72 18.76 -4.34 31.89
CA ILE E 72 17.64 -3.99 31.05
C ILE E 72 17.82 -4.39 29.59
N VAL E 73 19.03 -4.21 29.07
CA VAL E 73 19.31 -4.54 27.67
C VAL E 73 19.33 -6.04 27.40
N ASP E 74 19.00 -6.84 28.41
CA ASP E 74 18.99 -8.29 28.26
C ASP E 74 17.60 -8.85 28.60
N LEU E 75 16.61 -7.97 28.65
CA LEU E 75 15.24 -8.37 28.97
C LEU E 75 14.51 -9.07 27.84
N THR E 76 15.19 -9.22 26.69
CA THR E 76 14.59 -9.87 25.54
C THR E 76 13.87 -11.16 25.91
N ASP E 77 12.66 -11.32 25.40
CA ASP E 77 11.83 -12.50 25.64
C ASP E 77 11.40 -12.67 27.10
N LYS E 78 11.33 -11.55 27.82
CA LYS E 78 10.91 -11.57 29.22
C LYS E 78 9.92 -10.43 29.41
N VAL E 79 8.89 -10.67 30.23
CA VAL E 79 7.86 -9.65 30.44
C VAL E 79 8.25 -8.56 31.44
N ILE E 80 7.66 -7.39 31.24
CA ILE E 80 7.88 -6.24 32.12
C ILE E 80 6.53 -5.61 32.39
N VAL E 81 6.37 -5.06 33.59
CA VAL E 81 5.13 -4.42 33.97
C VAL E 81 5.36 -2.94 34.25
N ILE E 82 4.80 -2.10 33.40
CA ILE E 82 4.94 -0.65 33.53
C ILE E 82 3.83 -0.12 34.43
N ASN E 83 4.20 0.29 35.62
CA ASN E 83 3.24 0.81 36.60
C ASN E 83 2.93 2.30 36.42
N ASN E 84 3.95 3.08 36.08
CA ASN E 84 3.75 4.52 35.87
C ASN E 84 4.19 4.88 34.45
N TRP E 85 3.27 5.46 33.69
CA TRP E 85 3.58 5.85 32.31
C TRP E 85 2.65 6.93 31.78
N SER E 86 3.12 7.64 30.76
CA SER E 86 2.36 8.71 30.13
C SER E 86 2.55 8.63 28.62
N LEU E 87 1.67 9.29 27.88
CA LEU E 87 1.75 9.29 26.42
C LEU E 87 1.90 10.70 25.87
N GLU E 88 2.89 10.91 25.02
CA GLU E 88 3.13 12.22 24.41
C GLU E 88 3.11 12.14 22.90
N LEU E 89 3.02 13.30 22.27
CA LEU E 89 3.03 13.39 20.81
C LEU E 89 4.27 14.20 20.47
N ARG E 90 4.98 13.77 19.42
CA ARG E 90 6.22 14.43 19.03
C ARG E 90 6.39 14.50 17.52
N ARG E 91 7.11 15.52 17.06
CA ARG E 91 7.38 15.66 15.64
C ARG E 91 8.75 15.02 15.41
N VAL E 92 8.82 14.13 14.42
CA VAL E 92 10.06 13.43 14.12
C VAL E 92 10.24 13.25 12.62
N ASN E 93 11.41 12.72 12.24
CA ASN E 93 11.70 12.47 10.83
C ASN E 93 11.34 11.01 10.59
N SER E 94 10.13 10.78 10.10
CA SER E 94 9.65 9.42 9.84
C SER E 94 10.53 8.59 8.91
N ALA E 95 11.41 9.25 8.17
CA ALA E 95 12.31 8.53 7.27
C ALA E 95 13.48 7.98 8.05
N GLU E 96 13.55 8.34 9.34
CA GLU E 96 14.63 7.89 10.21
C GLU E 96 14.11 7.09 11.41
N VAL E 97 12.93 7.46 11.90
CA VAL E 97 12.33 6.78 13.05
C VAL E 97 11.25 5.81 12.55
N PHE E 98 11.52 4.51 12.61
CA PHE E 98 10.55 3.54 12.12
C PHE E 98 9.32 3.38 13.02
N THR E 99 9.41 3.85 14.26
CA THR E 99 8.27 3.79 15.17
C THR E 99 7.53 5.11 15.09
N SER E 100 7.16 5.50 13.88
CA SER E 100 6.44 6.75 13.64
C SER E 100 5.82 6.75 12.25
N TYR E 101 5.01 7.75 11.96
CA TYR E 101 4.36 7.87 10.66
C TYR E 101 4.06 9.31 10.31
N ALA E 102 4.29 9.67 9.05
CA ALA E 102 4.04 11.03 8.57
C ALA E 102 4.64 12.06 9.51
N ASN E 103 5.89 11.84 9.91
CA ASN E 103 6.62 12.74 10.80
C ASN E 103 5.93 13.01 12.14
N LEU E 104 5.17 12.04 12.61
CA LEU E 104 4.46 12.16 13.89
C LEU E 104 4.66 10.88 14.67
N GLU E 105 4.87 11.01 15.97
CA GLU E 105 5.05 9.84 16.81
C GLU E 105 4.32 9.95 18.14
N ALA E 106 3.76 8.84 18.58
CA ALA E 106 3.07 8.76 19.85
C ALA E 106 4.03 7.99 20.73
N ARG E 107 4.59 8.64 21.73
CA ARG E 107 5.55 7.99 22.60
C ARG E 107 5.00 7.52 23.94
N LEU E 108 5.45 6.35 24.36
CA LEU E 108 5.05 5.78 25.63
C LEU E 108 6.16 6.13 26.61
N ILE E 109 5.90 7.13 27.45
CA ILE E 109 6.88 7.56 28.43
C ILE E 109 6.77 6.66 29.67
N VAL E 110 7.84 5.93 29.96
CA VAL E 110 7.85 5.03 31.10
C VAL E 110 8.59 5.61 32.30
N HIS E 111 7.88 5.70 33.42
CA HIS E 111 8.44 6.24 34.65
C HIS E 111 8.90 5.14 35.60
N SER E 112 8.15 4.05 35.67
CA SER E 112 8.50 2.93 36.53
C SER E 112 8.02 1.58 35.99
N PHE E 113 8.93 0.61 35.96
CA PHE E 113 8.60 -0.72 35.46
C PHE E 113 9.36 -1.81 36.22
N LYS E 114 8.71 -2.95 36.42
CA LYS E 114 9.31 -4.07 37.15
C LYS E 114 9.33 -5.34 36.29
N PRO E 115 10.42 -6.12 36.39
CA PRO E 115 10.54 -7.36 35.61
C PRO E 115 9.92 -8.58 36.28
N ASN E 116 9.31 -9.44 35.47
CA ASN E 116 8.71 -10.66 35.96
C ASN E 116 9.37 -11.76 35.13
N LEU E 117 10.40 -12.40 35.70
CA LEU E 117 11.13 -13.45 35.00
C LEU E 117 10.45 -14.80 35.20
N GLN E 118 9.45 -14.80 36.07
CA GLN E 118 8.65 -15.97 36.43
C GLN E 118 8.08 -16.80 35.28
N GLU E 119 8.96 -17.44 34.51
CA GLU E 119 8.51 -18.27 33.38
C GLU E 119 7.27 -17.64 32.74
N ARG E 120 7.29 -16.33 32.56
CA ARG E 120 6.15 -15.64 31.96
C ARG E 120 5.94 -16.01 30.50
N LEU E 121 4.73 -16.45 30.20
CA LEU E 121 4.36 -16.91 28.87
C LEU E 121 3.23 -16.10 28.22
N ASN E 122 2.62 -16.73 27.21
CA ASN E 122 1.51 -16.19 26.41
C ASN E 122 1.65 -16.42 24.91
N PRO E 123 0.85 -17.34 24.36
CA PRO E 123 0.84 -17.70 22.93
C PRO E 123 0.23 -16.53 22.15
N THR E 124 1.04 -15.86 21.35
CA THR E 124 0.59 -14.69 20.59
C THR E 124 0.86 -14.72 19.08
N ARG E 125 0.15 -13.86 18.34
CA ARG E 125 0.35 -13.74 16.89
C ARG E 125 1.67 -13.01 16.75
N TYR E 126 2.25 -13.00 15.57
CA TYR E 126 3.52 -12.28 15.41
C TYR E 126 3.26 -10.79 15.52
N PRO E 127 3.93 -10.12 16.48
CA PRO E 127 3.78 -8.69 16.71
C PRO E 127 4.26 -7.83 15.54
N VAL E 128 3.50 -6.79 15.22
CA VAL E 128 3.84 -5.90 14.13
C VAL E 128 3.92 -4.44 14.58
N ASN E 129 4.70 -3.66 13.84
CA ASN E 129 4.90 -2.24 14.13
C ASN E 129 3.55 -1.54 14.05
N LEU E 130 3.11 -0.95 15.16
CA LEU E 130 1.84 -0.25 15.18
C LEU E 130 1.80 0.82 14.10
N PHE E 131 2.92 1.52 13.92
CA PHE E 131 2.99 2.57 12.92
C PHE E 131 3.08 2.10 11.48
N ARG E 132 2.70 0.84 11.26
CA ARG E 132 2.71 0.26 9.92
C ARG E 132 1.33 -0.35 9.67
N ASP E 133 0.50 -0.30 10.71
CA ASP E 133 -0.86 -0.83 10.63
C ASP E 133 -1.74 0.06 9.77
N ASP E 134 -2.56 -0.56 8.93
CA ASP E 134 -3.44 0.17 8.03
C ASP E 134 -4.30 1.18 8.76
N GLU E 135 -5.19 0.70 9.62
CA GLU E 135 -6.08 1.56 10.38
C GLU E 135 -5.37 2.67 11.14
N PHE E 136 -4.31 2.32 11.88
CA PHE E 136 -3.59 3.34 12.64
C PHE E 136 -2.98 4.40 11.73
N LYS E 137 -2.38 3.98 10.63
CA LYS E 137 -1.81 4.93 9.68
C LYS E 137 -2.93 5.86 9.24
N THR E 138 -4.07 5.26 8.93
CA THR E 138 -5.24 6.00 8.48
C THR E 138 -5.71 6.98 9.56
N THR E 139 -5.59 6.56 10.82
CA THR E 139 -5.98 7.41 11.94
C THR E 139 -5.09 8.65 11.96
N ILE E 140 -3.79 8.43 11.83
CA ILE E 140 -2.83 9.53 11.82
C ILE E 140 -3.08 10.44 10.62
N GLN E 141 -3.54 9.86 9.51
CA GLN E 141 -3.82 10.65 8.33
C GLN E 141 -5.03 11.55 8.57
N HIS E 142 -6.05 11.01 9.25
CA HIS E 142 -7.24 11.78 9.56
C HIS E 142 -6.80 12.99 10.39
N PHE E 143 -5.99 12.71 11.40
CA PHE E 143 -5.45 13.73 12.30
C PHE E 143 -4.82 14.87 11.51
N ARG E 144 -3.94 14.53 10.58
CA ARG E 144 -3.26 15.52 9.75
C ARG E 144 -4.21 16.25 8.81
N HIS E 145 -5.13 15.49 8.21
CA HIS E 145 -6.11 16.05 7.29
C HIS E 145 -6.92 17.13 8.01
N THR E 146 -7.30 16.84 9.25
CA THR E 146 -8.08 17.77 10.06
C THR E 146 -7.30 19.06 10.31
N ALA E 147 -6.04 18.92 10.70
CA ALA E 147 -5.20 20.08 10.97
C ALA E 147 -4.95 20.87 9.70
N LEU E 148 -4.74 20.15 8.60
CA LEU E 148 -4.48 20.77 7.30
C LEU E 148 -5.69 21.55 6.80
N GLN E 149 -6.87 21.00 7.02
CA GLN E 149 -8.10 21.63 6.57
C GLN E 149 -8.37 22.93 7.33
N ALA E 150 -8.16 22.91 8.64
CA ALA E 150 -8.38 24.08 9.47
C ALA E 150 -7.41 25.20 9.07
N ALA E 151 -6.14 24.84 8.87
CA ALA E 151 -5.13 25.81 8.48
C ALA E 151 -5.46 26.45 7.13
N ILE E 152 -5.87 25.62 6.17
CA ILE E 152 -6.21 26.10 4.84
C ILE E 152 -7.45 26.99 4.82
N ASN E 153 -8.44 26.65 5.65
CA ASN E 153 -9.66 27.45 5.72
C ASN E 153 -9.44 28.73 6.50
N LYS E 154 -8.28 28.84 7.15
CA LYS E 154 -7.95 30.03 7.93
C LYS E 154 -6.95 30.89 7.17
N THR E 155 -6.12 30.23 6.36
CA THR E 155 -5.08 30.91 5.59
C THR E 155 -5.57 31.35 4.20
N VAL E 156 -6.36 30.50 3.55
CA VAL E 156 -6.88 30.82 2.22
C VAL E 156 -8.21 31.57 2.31
N LYS E 157 -8.26 32.75 1.71
CA LYS E 157 -9.45 33.59 1.74
C LYS E 157 -9.58 34.42 0.45
N GLY E 158 -10.72 35.09 0.31
CA GLY E 158 -10.95 35.94 -0.85
C GLY E 158 -11.24 35.31 -2.20
N ASP E 159 -11.54 34.01 -2.23
CA ASP E 159 -11.83 33.31 -3.47
C ASP E 159 -11.00 33.81 -4.66
N ASN E 160 -9.69 33.61 -4.59
CA ASN E 160 -8.80 34.04 -5.67
C ASN E 160 -8.86 33.01 -6.80
N LEU E 161 -10.00 32.98 -7.50
CA LEU E 161 -10.23 32.06 -8.59
C LEU E 161 -9.46 32.47 -9.85
N VAL E 162 -8.93 31.48 -10.57
CA VAL E 162 -8.22 31.74 -11.80
C VAL E 162 -9.18 32.47 -12.72
N ASP E 163 -8.77 33.62 -13.26
CA ASP E 163 -9.65 34.37 -14.14
C ASP E 163 -9.98 33.51 -15.35
N ILE E 164 -11.28 33.33 -15.58
CA ILE E 164 -11.76 32.50 -16.69
C ILE E 164 -11.08 32.74 -18.02
N SER E 165 -10.80 34.01 -18.35
CA SER E 165 -10.16 34.34 -19.61
C SER E 165 -8.84 33.59 -19.79
N LYS E 166 -8.10 33.42 -18.70
CA LYS E 166 -6.81 32.73 -18.75
C LYS E 166 -6.89 31.31 -19.31
N VAL E 167 -8.01 30.62 -19.09
CA VAL E 167 -8.15 29.26 -19.58
C VAL E 167 -9.21 29.04 -20.65
N ALA E 168 -9.97 30.07 -21.00
CA ALA E 168 -11.00 29.94 -22.01
C ALA E 168 -10.65 30.61 -23.34
N ASP E 169 -9.39 31.05 -23.46
CA ASP E 169 -8.91 31.71 -24.67
C ASP E 169 -7.41 31.45 -24.75
N ALA E 170 -7.01 30.27 -24.30
CA ALA E 170 -5.60 29.86 -24.25
C ALA E 170 -4.92 29.34 -25.52
N ALA E 171 -5.22 29.91 -26.67
CA ALA E 171 -4.59 29.47 -27.90
C ALA E 171 -3.19 30.09 -27.98
N GLY E 172 -3.13 31.39 -27.72
CA GLY E 172 -1.86 32.10 -27.74
C GLY E 172 -1.44 32.44 -26.32
N LYS E 173 -1.67 31.51 -25.40
CA LYS E 173 -1.32 31.69 -24.01
C LYS E 173 -0.58 30.50 -23.42
N LYS E 174 0.57 30.77 -22.82
CA LYS E 174 1.38 29.74 -22.19
C LYS E 174 1.58 30.16 -20.74
N GLY E 175 1.59 29.19 -19.83
CA GLY E 175 1.77 29.51 -18.44
C GLY E 175 2.63 28.51 -17.70
N LYS E 176 2.98 28.83 -16.46
CA LYS E 176 3.79 27.96 -15.64
C LYS E 176 2.89 27.29 -14.61
N VAL E 177 2.99 25.97 -14.52
CA VAL E 177 2.15 25.20 -13.61
C VAL E 177 2.27 25.56 -12.13
N ASP E 178 3.37 26.19 -11.73
CA ASP E 178 3.52 26.55 -10.33
C ASP E 178 2.54 27.67 -9.97
N ALA E 179 1.91 28.23 -10.98
CA ALA E 179 0.93 29.29 -10.79
C ALA E 179 -0.24 28.71 -10.00
N GLY E 180 -0.32 27.38 -9.98
CA GLY E 180 -1.39 26.71 -9.27
C GLY E 180 -1.02 26.28 -7.87
N ILE E 181 0.18 26.64 -7.42
CA ILE E 181 0.62 26.28 -6.08
C ILE E 181 0.19 27.32 -5.05
N VAL E 182 -0.51 26.86 -4.01
CA VAL E 182 -1.00 27.73 -2.95
C VAL E 182 -0.52 27.28 -1.57
N LYS E 183 -0.01 28.22 -0.78
CA LYS E 183 0.45 27.91 0.57
C LYS E 183 -0.74 27.50 1.44
N ALA E 184 -0.58 26.40 2.16
CA ALA E 184 -1.64 25.88 3.00
C ALA E 184 -1.69 26.51 4.40
N SER E 185 -0.63 27.21 4.79
CA SER E 185 -0.60 27.82 6.11
C SER E 185 0.50 28.84 6.29
N ALA E 186 0.61 29.34 7.52
CA ALA E 186 1.64 30.32 7.88
C ALA E 186 2.82 29.52 8.43
N SER E 187 3.52 28.84 7.52
CA SER E 187 4.66 28.01 7.89
C SER E 187 5.97 28.80 7.82
N LYS E 188 7.06 28.10 8.07
CA LYS E 188 8.40 28.68 8.01
C LYS E 188 9.11 28.04 6.82
N GLY E 189 9.10 26.71 6.79
CA GLY E 189 9.76 25.99 5.71
C GLY E 189 8.81 25.33 4.73
N ASP E 190 9.26 24.24 4.11
CA ASP E 190 8.46 23.51 3.13
C ASP E 190 7.58 22.42 3.74
N GLU E 191 7.62 22.27 5.06
CA GLU E 191 6.81 21.25 5.73
C GLU E 191 5.63 21.85 6.48
N PHE E 192 4.47 21.20 6.38
CA PHE E 192 3.29 21.68 7.08
C PHE E 192 3.49 21.41 8.57
N SER E 193 3.38 22.45 9.38
CA SER E 193 3.58 22.30 10.82
C SER E 193 2.56 23.06 11.66
N ASP E 194 1.51 23.56 11.03
CA ASP E 194 0.49 24.30 11.76
C ASP E 194 -0.46 23.38 12.53
N PHE E 195 0.03 22.79 13.61
CA PHE E 195 -0.78 21.92 14.45
C PHE E 195 -1.14 22.66 15.73
N SER E 196 -2.08 22.11 16.50
CA SER E 196 -2.49 22.77 17.74
C SER E 196 -2.29 21.96 19.01
N PHE E 197 -1.80 20.72 18.87
CA PHE E 197 -1.53 19.90 20.04
C PHE E 197 -0.22 20.44 20.56
N LYS E 198 -0.02 20.46 21.88
CA LYS E 198 1.25 20.99 22.36
C LYS E 198 2.24 19.85 22.52
N GLU E 199 3.22 19.85 21.61
CA GLU E 199 4.26 18.84 21.57
C GLU E 199 4.92 18.64 22.92
N GLY E 200 4.56 17.54 23.59
CA GLY E 200 5.14 17.24 24.88
C GLY E 200 6.63 17.07 24.77
N ASN E 201 7.36 17.46 25.81
CA ASN E 201 8.81 17.33 25.81
C ASN E 201 9.28 16.08 26.56
N THR E 202 9.53 16.22 27.85
CA THR E 202 9.97 15.10 28.68
C THR E 202 11.25 14.41 28.20
N ALA E 203 12.32 14.56 28.99
CA ALA E 203 13.61 13.98 28.66
C ALA E 203 13.58 12.45 28.75
N THR E 204 14.33 11.79 27.86
CA THR E 204 14.40 10.34 27.83
C THR E 204 15.82 9.85 27.55
N LEU E 205 16.09 8.59 27.86
CA LEU E 205 17.41 8.01 27.65
C LEU E 205 17.56 7.34 26.28
N LYS E 206 18.72 7.54 25.67
CA LYS E 206 19.02 6.92 24.38
C LYS E 206 19.37 5.48 24.76
N ILE E 207 18.76 4.53 24.07
CA ILE E 207 18.96 3.11 24.34
C ILE E 207 20.43 2.68 24.50
N ALA E 208 21.33 3.37 23.81
CA ALA E 208 22.76 3.04 23.90
C ALA E 208 23.35 3.42 25.26
N ASP E 209 22.83 4.50 25.85
CA ASP E 209 23.31 4.97 27.14
C ASP E 209 23.05 3.97 28.25
N ILE E 210 21.91 3.30 28.18
CA ILE E 210 21.54 2.31 29.19
C ILE E 210 22.36 1.04 29.01
N PHE E 211 22.99 0.92 27.84
CA PHE E 211 23.83 -0.24 27.53
C PHE E 211 25.24 0.00 28.08
N VAL E 212 25.68 1.25 28.02
CA VAL E 212 27.00 1.62 28.52
C VAL E 212 26.96 1.64 30.05
N GLN E 213 25.85 2.13 30.60
CA GLN E 213 25.68 2.21 32.04
C GLN E 213 25.61 0.81 32.62
N GLU E 214 25.56 -0.19 31.76
CA GLU E 214 25.49 -1.58 32.20
C GLU E 214 26.66 -2.43 31.70
N LYS E 215 27.28 -2.02 30.59
CA LYS E 215 28.43 -2.75 30.05
C LYS E 215 29.35 -1.88 29.19
N GLY E 216 29.76 -0.75 29.76
CA GLY E 216 30.64 0.20 29.09
C GLY E 216 31.34 -0.27 27.83
#